data_8FBD
#
_entry.id   8FBD
#
_cell.length_a   39.258
_cell.length_b   174.033
_cell.length_c   241.954
_cell.angle_alpha   90.00
_cell.angle_beta   90.00
_cell.angle_gamma   90.00
#
_symmetry.space_group_name_H-M   'P 21 21 21'
#
loop_
_entity.id
_entity.type
_entity.pdbx_description
1 polymer 'Neurotoxin complex component Orf-X1'
2 polymer 'Neurotoxin complex component Orf-X3'
3 non-polymer 'ACETATE ION'
4 water water
#
loop_
_entity_poly.entity_id
_entity_poly.type
_entity_poly.pdbx_seq_one_letter_code
_entity_poly.pdbx_strand_id
1 'polypeptide(L)'
;MELKQAFVFEFDENLSSSSGSIHLEKVKQNCSPNYDYFKITFIDGYLYIKNKSGVILDKYDLKNVISLVALKRDYLSLSL
SNNKQIKKFKNIKNKHLKNKFNLYVINEDIEKRITKNGILEEVILNKMLLSILLGNEENLLQIS
;
A,C
2 'polypeptide(L)'
;MQTTTLNWDTVYAVPINIVNEAIKLKHPTPENFELLNGKYGNCSGSFEEWQITNGGDGSNIRLKIPIKNFKATIIGNRLN
GKGGFAFANLEVQVKLKYLPHFPQSKNKDIELVDLKIRTQSDNPEDPAIIVISSYKNIQGFYFEDEYKLTEDDEFVVSYF
YRLIKEWLEKNLHFFNYIFNTVNLNLYISDKEKWEWTKPSYVDYAYSEIEGDLSRSALGVLCMTGGRTGSKNQQQKIDPY
AIPAASQSGFLISEERLLRNILLPTIPKKFPKSKGDEFEVINESSQGGGYSYILKLKKGKKIDLENIQAVGYTCTPYIQE
MKIYLLGSYLKLETTTRVDLPLGVASICETTCEYKFKLSTNNKGEQTIAYEQIGSPVNIQYSENTGNVGLNIVVSFLSAT
LSFALTFVPGFGTFLAVGLIGGCLIGSVALIPTFIESYNSDTAPSIDLSLENSVSEITWNSSDVFNLDYVALAGPLQLGG
TLQVQNS
;
B,D
#
# COMPACT_ATOMS: atom_id res chain seq x y z
N LYS A 4 -27.39 7.64 9.16
CA LYS A 4 -28.82 7.72 9.44
C LYS A 4 -29.64 6.91 8.44
N GLN A 5 -30.78 6.40 8.91
CA GLN A 5 -31.73 5.69 8.06
C GLN A 5 -32.71 6.68 7.42
N ALA A 6 -33.46 7.39 8.27
CA ALA A 6 -34.46 8.37 7.87
C ALA A 6 -33.87 9.78 7.70
N PHE A 7 -34.39 10.54 6.74
CA PHE A 7 -33.97 11.92 6.51
C PHE A 7 -35.17 12.85 6.48
N VAL A 8 -35.00 14.06 7.02
CA VAL A 8 -35.98 15.13 6.84
C VAL A 8 -35.97 15.55 5.37
N PHE A 9 -37.15 15.85 4.82
CA PHE A 9 -37.24 16.46 3.50
C PHE A 9 -38.15 17.68 3.57
N GLU A 10 -37.85 18.70 2.78
CA GLU A 10 -38.67 19.89 2.72
C GLU A 10 -38.73 20.36 1.27
N PHE A 11 -39.93 20.70 0.83
CA PHE A 11 -40.17 21.12 -0.54
C PHE A 11 -41.09 22.31 -0.51
N ASP A 12 -40.70 23.38 -1.20
CA ASP A 12 -41.54 24.56 -1.24
C ASP A 12 -41.47 25.18 -2.63
N GLU A 13 -42.62 25.43 -3.20
CA GLU A 13 -42.70 26.16 -4.45
C GLU A 13 -44.02 26.89 -4.39
N ASN A 14 -44.30 27.71 -5.40
CA ASN A 14 -45.46 28.58 -5.38
C ASN A 14 -46.81 27.86 -5.22
N LEU A 15 -47.04 26.77 -5.96
CA LEU A 15 -48.36 26.16 -5.91
C LEU A 15 -48.41 24.82 -5.16
N SER A 16 -47.28 24.38 -4.63
CA SER A 16 -47.26 23.19 -3.79
C SER A 16 -46.10 23.23 -2.81
N SER A 17 -46.21 22.44 -1.75
CA SER A 17 -45.16 22.34 -0.78
C SER A 17 -45.34 21.00 -0.09
N SER A 18 -44.30 20.53 0.57
N SER A 18 -44.29 20.51 0.55
CA SER A 18 -44.35 19.25 1.28
CA SER A 18 -44.37 19.26 1.30
C SER A 18 -43.20 19.16 2.26
C SER A 18 -43.22 19.20 2.30
N SER A 19 -43.36 18.31 3.27
CA SER A 19 -42.34 18.05 4.28
C SER A 19 -42.68 16.76 4.98
N GLY A 20 -41.70 16.21 5.68
CA GLY A 20 -41.85 14.99 6.43
C GLY A 20 -40.49 14.34 6.49
N SER A 21 -40.48 13.02 6.50
CA SER A 21 -39.23 12.28 6.56
C SER A 21 -39.32 11.07 5.63
N ILE A 22 -38.17 10.67 5.11
CA ILE A 22 -38.09 9.55 4.18
C ILE A 22 -37.00 8.56 4.55
N HIS A 23 -37.26 7.31 4.21
CA HIS A 23 -36.26 6.26 4.29
C HIS A 23 -35.76 5.96 2.88
N LEU A 24 -34.45 5.79 2.74
CA LEU A 24 -33.85 5.50 1.46
C LEU A 24 -33.09 4.20 1.50
N GLU A 25 -33.13 3.48 0.39
CA GLU A 25 -32.31 2.29 0.23
C GLU A 25 -31.90 2.07 -1.23
N LYS A 26 -30.68 1.58 -1.41
CA LYS A 26 -30.18 1.26 -2.73
C LYS A 26 -30.97 0.08 -3.23
N VAL A 27 -31.33 0.06 -4.52
CA VAL A 27 -32.04 -1.09 -5.08
C VAL A 27 -31.12 -1.90 -5.98
N LYS A 28 -30.98 -3.20 -5.68
CA LYS A 28 -30.13 -4.11 -6.46
C LYS A 28 -30.71 -4.28 -7.85
N GLN A 29 -29.87 -4.06 -8.85
CA GLN A 29 -30.28 -4.10 -10.22
C GLN A 29 -29.16 -4.45 -11.21
N ASN A 30 -29.52 -5.14 -12.28
CA ASN A 30 -28.57 -5.53 -13.32
C ASN A 30 -28.89 -5.05 -14.75
N CYS A 31 -29.66 -3.98 -14.90
CA CYS A 31 -30.01 -3.51 -16.22
C CYS A 31 -29.34 -2.25 -16.66
N SER A 32 -28.82 -1.53 -15.71
CA SER A 32 -28.18 -0.24 -15.93
C SER A 32 -26.92 -0.14 -15.07
N PRO A 33 -25.79 -0.69 -15.58
CA PRO A 33 -24.55 -0.80 -14.83
C PRO A 33 -23.98 0.54 -14.41
N ASN A 34 -24.27 1.62 -15.15
CA ASN A 34 -23.68 2.92 -14.81
C ASN A 34 -24.57 3.78 -13.92
N TYR A 35 -25.70 3.22 -13.51
CA TYR A 35 -26.61 3.95 -12.64
C TYR A 35 -26.85 3.22 -11.33
N ASP A 36 -27.19 3.99 -10.30
CA ASP A 36 -27.67 3.42 -9.06
C ASP A 36 -29.16 3.68 -8.90
N TYR A 37 -29.91 2.67 -8.51
CA TYR A 37 -31.35 2.84 -8.24
C TYR A 37 -31.57 3.06 -6.74
N PHE A 38 -32.46 3.98 -6.39
CA PHE A 38 -32.80 4.18 -4.97
C PHE A 38 -34.29 4.15 -4.75
N LYS A 39 -34.70 3.41 -3.73
CA LYS A 39 -36.09 3.38 -3.34
C LYS A 39 -36.32 4.32 -2.18
N ILE A 40 -37.29 5.20 -2.34
CA ILE A 40 -37.63 6.17 -1.31
C ILE A 40 -38.98 5.81 -0.75
N THR A 41 -39.01 5.59 0.56
CA THR A 41 -40.25 5.30 1.26
C THR A 41 -40.56 6.47 2.18
N PHE A 42 -41.76 7.03 2.06
CA PHE A 42 -42.16 8.14 2.91
C PHE A 42 -42.68 7.62 4.24
N ILE A 43 -41.99 7.95 5.31
CA ILE A 43 -42.37 7.48 6.64
C ILE A 43 -43.57 8.29 7.15
N ASP A 44 -43.48 9.60 6.97
CA ASP A 44 -44.56 10.51 7.28
C ASP A 44 -44.41 11.71 6.40
N GLY A 45 -45.52 12.38 6.11
CA GLY A 45 -45.46 13.64 5.39
C GLY A 45 -46.75 13.96 4.68
N TYR A 46 -46.91 15.23 4.33
CA TYR A 46 -48.06 15.67 3.56
C TYR A 46 -47.58 16.46 2.35
N LEU A 47 -48.32 16.32 1.26
CA LEU A 47 -48.16 17.13 0.06
C LEU A 47 -49.30 18.15 0.04
N TYR A 48 -49.00 19.44 -0.08
CA TYR A 48 -50.06 20.47 -0.11
C TYR A 48 -50.13 21.11 -1.48
N ILE A 49 -51.34 21.26 -2.01
CA ILE A 49 -51.53 22.13 -3.17
C ILE A 49 -52.09 23.46 -2.67
N LYS A 50 -51.47 24.56 -3.07
CA LYS A 50 -51.91 25.88 -2.62
C LYS A 50 -52.14 26.82 -3.80
N ASN A 51 -52.89 27.89 -3.57
CA ASN A 51 -53.10 28.86 -4.65
C ASN A 51 -52.03 29.94 -4.56
N LYS A 52 -52.15 30.95 -5.39
CA LYS A 52 -51.11 31.96 -5.54
C LYS A 52 -50.82 32.72 -4.26
N SER A 53 -51.80 32.78 -3.37
CA SER A 53 -51.66 33.54 -2.12
C SER A 53 -51.42 32.63 -0.91
N GLY A 54 -51.18 31.35 -1.15
CA GLY A 54 -50.75 30.46 -0.09
C GLY A 54 -51.83 29.63 0.57
N VAL A 55 -53.09 29.84 0.19
CA VAL A 55 -54.20 29.09 0.79
C VAL A 55 -54.14 27.63 0.39
N ILE A 56 -54.32 26.74 1.36
CA ILE A 56 -54.25 25.32 1.08
C ILE A 56 -55.53 24.89 0.35
N LEU A 57 -55.38 24.37 -0.86
CA LEU A 57 -56.51 23.89 -1.62
C LEU A 57 -56.78 22.41 -1.41
N ASP A 58 -55.71 21.60 -1.41
CA ASP A 58 -55.80 20.17 -1.17
C ASP A 58 -54.59 19.67 -0.39
N LYS A 59 -54.73 18.55 0.27
CA LYS A 59 -53.55 17.94 0.86
C LYS A 59 -53.64 16.42 0.72
N TYR A 60 -52.47 15.80 0.55
CA TYR A 60 -52.35 14.35 0.37
C TYR A 60 -51.36 13.81 1.40
N ASP A 61 -51.77 12.80 2.16
CA ASP A 61 -50.87 12.12 3.08
C ASP A 61 -49.89 11.29 2.24
N LEU A 62 -48.59 11.49 2.44
CA LEU A 62 -47.58 10.74 1.69
C LEU A 62 -47.20 9.43 2.39
N LYS A 63 -47.67 9.26 3.63
CA LYS A 63 -47.22 8.13 4.44
C LYS A 63 -47.26 6.82 3.66
N ASN A 64 -46.13 6.10 3.65
CA ASN A 64 -46.00 4.82 2.97
C ASN A 64 -45.99 4.86 1.44
N VAL A 65 -46.05 6.04 0.85
CA VAL A 65 -45.81 6.14 -0.59
C VAL A 65 -44.41 5.64 -0.90
N ILE A 66 -44.28 4.90 -1.99
CA ILE A 66 -42.96 4.40 -2.38
C ILE A 66 -42.56 4.89 -3.78
N SER A 67 -41.38 5.49 -3.86
CA SER A 67 -40.86 6.05 -5.11
C SER A 67 -39.57 5.34 -5.52
N LEU A 68 -39.31 5.28 -6.82
CA LEU A 68 -38.09 4.67 -7.34
C LEU A 68 -37.37 5.69 -8.23
N VAL A 69 -36.09 5.94 -7.94
CA VAL A 69 -35.32 6.92 -8.71
C VAL A 69 -33.99 6.32 -9.14
N ALA A 70 -33.32 6.98 -10.09
CA ALA A 70 -31.99 6.54 -10.52
C ALA A 70 -31.11 7.73 -10.86
N LEU A 71 -29.81 7.57 -10.66
CA LEU A 71 -28.87 8.58 -11.09
C LEU A 71 -27.53 7.95 -11.47
N LYS A 72 -26.76 8.69 -12.27
CA LYS A 72 -25.48 8.21 -12.77
C LYS A 72 -24.45 8.11 -11.64
N ARG A 73 -23.71 7.00 -11.64
CA ARG A 73 -22.80 6.65 -10.55
C ARG A 73 -21.61 7.62 -10.43
N ASP A 74 -21.57 8.64 -11.29
CA ASP A 74 -20.63 9.74 -11.13
C ASP A 74 -20.74 10.37 -9.75
N TYR A 75 -21.93 10.30 -9.15
CA TYR A 75 -22.17 10.94 -7.85
C TYR A 75 -21.29 10.31 -6.76
N LEU A 76 -20.77 9.11 -7.00
CA LEU A 76 -19.96 8.42 -6.01
C LEU A 76 -18.63 9.13 -5.80
N SER A 77 -18.22 9.93 -6.78
CA SER A 77 -16.96 10.66 -6.70
C SER A 77 -17.13 11.97 -5.94
N LEU A 78 -18.35 12.27 -5.52
CA LEU A 78 -18.60 13.46 -4.71
C LEU A 78 -17.79 13.41 -3.43
N SER A 79 -17.17 14.53 -3.10
CA SER A 79 -16.53 14.70 -1.80
C SER A 79 -17.31 15.80 -1.09
N LEU A 80 -17.29 15.80 0.24
CA LEU A 80 -16.76 14.71 1.03
C LEU A 80 -17.83 14.23 1.99
N SER A 81 -17.91 12.92 2.20
CA SER A 81 -18.89 12.37 3.12
C SER A 81 -18.49 12.63 4.57
N ASN A 82 -18.54 13.91 4.95
CA ASN A 82 -18.27 14.30 6.34
C ASN A 82 -19.57 14.76 7.01
N ASN A 83 -19.67 14.46 8.30
CA ASN A 83 -20.81 14.78 9.13
C ASN A 83 -20.76 16.14 9.85
N LYS A 84 -21.09 17.21 9.12
CA LYS A 84 -21.12 18.57 9.68
C LYS A 84 -22.24 19.51 9.16
N GLN A 85 -23.51 19.28 9.54
CA GLN A 85 -23.86 18.17 10.41
C GLN A 85 -25.09 17.31 10.04
N ILE A 86 -26.29 17.86 10.13
CA ILE A 86 -27.47 17.06 9.86
C ILE A 86 -27.95 17.26 8.44
N LYS A 87 -27.98 16.17 7.70
CA LYS A 87 -28.36 16.25 6.32
C LYS A 87 -29.84 16.20 6.09
N LYS A 88 -30.31 17.13 5.28
CA LYS A 88 -31.72 17.21 4.90
C LYS A 88 -31.84 17.07 3.39
N PHE A 89 -33.00 16.58 2.93
CA PHE A 89 -33.32 16.70 1.52
C PHE A 89 -34.25 17.90 1.33
N LYS A 90 -33.65 19.08 1.22
CA LYS A 90 -34.41 20.33 1.11
C LYS A 90 -34.14 21.02 -0.23
N ASN A 91 -35.19 21.61 -0.82
CA ASN A 91 -35.01 22.44 -2.01
C ASN A 91 -34.96 23.93 -1.66
N ILE A 92 -34.42 24.72 -2.58
CA ILE A 92 -34.43 26.17 -2.44
C ILE A 92 -35.56 26.74 -3.30
N LYS A 93 -36.59 27.29 -2.66
CA LYS A 93 -37.79 27.75 -3.37
C LYS A 93 -37.44 28.69 -4.52
N ASN A 94 -37.99 28.38 -5.69
CA ASN A 94 -37.79 29.14 -6.91
C ASN A 94 -36.33 29.27 -7.34
N LYS A 95 -35.55 28.23 -7.15
CA LYS A 95 -34.17 28.26 -7.54
C LYS A 95 -33.84 26.99 -8.29
N HIS A 96 -34.15 26.95 -9.58
CA HIS A 96 -33.90 25.74 -10.34
C HIS A 96 -32.44 25.38 -10.39
N LEU A 97 -32.16 24.09 -10.25
CA LEU A 97 -30.77 23.63 -10.19
C LEU A 97 -30.39 22.74 -11.37
N LYS A 98 -29.09 22.62 -11.60
CA LYS A 98 -28.57 21.75 -12.64
C LYS A 98 -28.70 20.29 -12.23
N ASN A 99 -28.89 19.42 -13.21
CA ASN A 99 -29.02 18.00 -12.96
C ASN A 99 -27.73 17.29 -13.36
N LYS A 100 -26.75 17.31 -12.47
CA LYS A 100 -25.40 16.90 -12.82
C LYS A 100 -25.28 15.41 -13.12
N PHE A 101 -26.14 14.59 -12.50
CA PHE A 101 -25.94 13.15 -12.61
C PHE A 101 -27.06 12.42 -13.35
N ASN A 102 -27.79 13.16 -14.18
CA ASN A 102 -28.95 12.64 -14.92
C ASN A 102 -29.93 11.91 -14.02
N LEU A 103 -30.19 12.49 -12.85
CA LEU A 103 -31.18 11.93 -11.93
C LEU A 103 -32.55 11.92 -12.62
N TYR A 104 -33.25 10.79 -12.55
CA TYR A 104 -34.62 10.77 -13.03
C TYR A 104 -35.48 9.88 -12.16
N VAL A 105 -36.78 10.08 -12.27
CA VAL A 105 -37.76 9.32 -11.51
C VAL A 105 -38.26 8.16 -12.36
N ILE A 106 -38.19 6.95 -11.82
CA ILE A 106 -38.69 5.77 -12.53
C ILE A 106 -40.18 5.60 -12.26
N ASN A 107 -40.56 5.77 -11.00
CA ASN A 107 -41.96 5.67 -10.64
C ASN A 107 -42.16 6.48 -9.37
N GLU A 108 -42.97 7.49 -9.43
CA GLU A 108 -43.20 8.33 -8.29
C GLU A 108 -44.04 7.75 -7.14
N ASP A 109 -44.87 6.77 -7.45
CA ASP A 109 -45.80 6.16 -6.49
C ASP A 109 -46.09 4.74 -6.96
N ILE A 110 -45.28 3.80 -6.54
CA ILE A 110 -45.36 2.45 -7.02
C ILE A 110 -46.70 1.82 -6.77
N GLU A 111 -47.24 2.00 -5.60
CA GLU A 111 -48.55 1.40 -5.30
C GLU A 111 -49.69 2.37 -5.59
N LYS A 112 -49.38 3.49 -6.25
CA LYS A 112 -50.36 4.50 -6.64
C LYS A 112 -51.28 4.96 -5.51
N ARG A 113 -50.71 5.19 -4.33
CA ARG A 113 -51.51 5.62 -3.19
C ARG A 113 -52.09 7.01 -3.40
N ILE A 114 -51.35 7.86 -4.11
CA ILE A 114 -51.77 9.23 -4.36
C ILE A 114 -52.08 9.50 -5.84
N THR A 115 -51.36 8.82 -6.73
CA THR A 115 -51.49 9.04 -8.18
C THR A 115 -52.70 8.36 -8.80
N LYS A 116 -53.35 7.52 -8.01
CA LYS A 116 -54.69 7.07 -8.35
C LYS A 116 -55.62 8.27 -8.58
N ASN A 117 -55.31 9.40 -7.94
CA ASN A 117 -56.11 10.62 -8.04
C ASN A 117 -56.02 11.28 -9.40
N GLY A 118 -54.96 10.97 -10.14
CA GLY A 118 -54.81 11.41 -11.52
C GLY A 118 -53.45 11.96 -11.87
N ILE A 119 -53.34 12.45 -13.10
CA ILE A 119 -52.09 12.98 -13.64
C ILE A 119 -51.54 14.14 -12.80
N LEU A 120 -52.44 15.00 -12.34
CA LEU A 120 -52.08 16.16 -11.52
C LEU A 120 -51.15 15.76 -10.39
N GLU A 121 -51.54 14.74 -9.64
CA GLU A 121 -50.76 14.27 -8.52
C GLU A 121 -49.42 13.70 -8.97
N GLU A 122 -49.43 12.97 -10.09
CA GLU A 122 -48.20 12.37 -10.62
C GLU A 122 -47.18 13.45 -10.95
N VAL A 123 -47.63 14.42 -11.72
CA VAL A 123 -46.80 15.53 -12.16
C VAL A 123 -46.21 16.28 -10.95
N ILE A 124 -47.03 16.56 -9.94
CA ILE A 124 -46.55 17.31 -8.78
C ILE A 124 -45.57 16.48 -7.96
N LEU A 125 -45.90 15.22 -7.76
CA LEU A 125 -45.05 14.30 -7.01
C LEU A 125 -43.71 14.14 -7.73
N ASN A 126 -43.76 14.05 -9.06
CA ASN A 126 -42.54 13.93 -9.84
C ASN A 126 -41.65 15.15 -9.61
N LYS A 127 -42.24 16.34 -9.72
CA LYS A 127 -41.52 17.59 -9.51
C LYS A 127 -40.95 17.65 -8.10
N MET A 128 -41.73 17.21 -7.13
CA MET A 128 -41.28 17.29 -5.74
C MET A 128 -40.05 16.40 -5.51
N LEU A 129 -40.04 15.22 -6.13
CA LEU A 129 -38.96 14.26 -5.92
C LEU A 129 -37.65 14.77 -6.48
N LEU A 130 -37.70 15.31 -7.70
CA LEU A 130 -36.50 15.89 -8.30
C LEU A 130 -35.99 17.06 -7.49
N SER A 131 -36.92 17.82 -6.91
CA SER A 131 -36.54 19.07 -6.27
C SER A 131 -35.91 18.87 -4.90
N ILE A 132 -36.28 17.81 -4.19
CA ILE A 132 -35.66 17.55 -2.90
C ILE A 132 -34.36 16.77 -3.05
N LEU A 133 -34.18 16.12 -4.20
CA LEU A 133 -32.97 15.33 -4.44
C LEU A 133 -31.84 16.14 -5.06
N LEU A 134 -32.15 16.91 -6.11
CA LEU A 134 -31.11 17.63 -6.84
C LEU A 134 -30.29 18.56 -5.96
N GLY A 135 -28.98 18.44 -6.05
CA GLY A 135 -28.09 19.25 -5.23
C GLY A 135 -27.79 18.59 -3.90
N ASN A 136 -28.55 17.54 -3.57
CA ASN A 136 -28.39 16.84 -2.30
C ASN A 136 -27.89 15.42 -2.51
N GLU A 137 -27.34 15.13 -3.69
CA GLU A 137 -26.90 13.79 -4.04
C GLU A 137 -25.79 13.29 -3.12
N GLU A 138 -24.98 14.19 -2.57
CA GLU A 138 -23.94 13.76 -1.64
C GLU A 138 -24.57 13.01 -0.47
N ASN A 139 -25.85 13.25 -0.19
CA ASN A 139 -26.54 12.52 0.87
C ASN A 139 -26.68 11.04 0.55
N LEU A 140 -26.66 10.68 -0.72
CA LEU A 140 -26.85 9.28 -1.10
C LEU A 140 -25.62 8.41 -0.81
N LEU A 141 -24.47 9.04 -0.57
CA LEU A 141 -23.23 8.30 -0.34
C LEU A 141 -23.35 7.30 0.80
N GLN A 142 -24.09 7.65 1.83
CA GLN A 142 -24.19 6.82 3.02
C GLN A 142 -25.31 5.79 2.99
N ILE A 143 -26.04 5.74 1.88
CA ILE A 143 -27.16 4.81 1.76
C ILE A 143 -26.71 3.43 1.27
N SER A 144 -27.02 2.41 2.06
CA SER A 144 -26.65 1.03 1.73
C SER A 144 -27.74 0.32 0.91
N MET B 1 -6.03 -0.17 -29.42
CA MET B 1 -6.52 -0.21 -28.06
C MET B 1 -7.11 -1.56 -27.68
N GLN B 2 -6.64 -2.11 -26.58
CA GLN B 2 -7.16 -3.36 -26.11
C GLN B 2 -8.59 -3.16 -25.68
N THR B 3 -9.41 -4.12 -25.98
CA THR B 3 -10.81 -4.09 -25.68
C THR B 3 -11.18 -5.33 -24.93
N THR B 4 -12.45 -5.50 -24.64
CA THR B 4 -12.90 -6.67 -23.92
C THR B 4 -14.38 -6.98 -24.18
N THR B 5 -14.79 -8.22 -24.10
CA THR B 5 -16.23 -8.55 -24.23
C THR B 5 -16.96 -8.48 -22.89
N LEU B 6 -16.20 -8.22 -21.82
CA LEU B 6 -16.81 -8.07 -20.48
C LEU B 6 -17.61 -9.33 -20.09
N ASN B 7 -17.01 -10.49 -20.33
CA ASN B 7 -17.50 -11.82 -19.91
C ASN B 7 -18.56 -12.40 -20.84
N TRP B 8 -18.90 -11.67 -21.90
CA TRP B 8 -19.75 -12.22 -22.94
C TRP B 8 -18.90 -13.01 -23.90
N ASP B 9 -19.53 -13.77 -24.79
CA ASP B 9 -18.78 -14.56 -25.75
C ASP B 9 -18.56 -13.79 -27.04
N THR B 10 -19.56 -12.99 -27.37
CA THR B 10 -19.59 -12.34 -28.65
C THR B 10 -20.27 -10.98 -28.50
N VAL B 11 -19.77 -9.97 -29.20
CA VAL B 11 -20.24 -8.60 -29.04
C VAL B 11 -20.32 -7.88 -30.39
N TYR B 12 -21.46 -7.26 -30.66
CA TYR B 12 -21.72 -6.64 -31.94
C TYR B 12 -22.18 -5.20 -31.73
N ALA B 13 -21.29 -4.25 -31.97
CA ALA B 13 -21.57 -2.85 -31.63
C ALA B 13 -21.72 -1.99 -32.86
N VAL B 14 -22.88 -1.34 -32.97
CA VAL B 14 -23.17 -0.45 -34.09
C VAL B 14 -23.47 0.95 -33.55
N PRO B 15 -22.90 1.99 -34.19
CA PRO B 15 -23.14 3.36 -33.70
C PRO B 15 -24.64 3.67 -33.72
N ILE B 16 -25.09 4.53 -32.82
CA ILE B 16 -26.50 4.88 -32.70
C ILE B 16 -26.95 5.65 -33.93
N ASN B 17 -26.04 6.44 -34.50
CA ASN B 17 -26.35 7.24 -35.69
C ASN B 17 -26.81 6.38 -36.85
N ILE B 18 -26.13 5.24 -37.04
CA ILE B 18 -26.49 4.30 -38.10
C ILE B 18 -27.91 3.76 -37.89
N VAL B 19 -28.26 3.50 -36.64
CA VAL B 19 -29.55 2.95 -36.29
C VAL B 19 -30.65 3.97 -36.49
N ASN B 20 -30.43 5.18 -35.97
CA ASN B 20 -31.35 6.29 -36.20
C ASN B 20 -31.56 6.60 -37.67
N GLU B 21 -30.46 6.64 -38.44
CA GLU B 21 -30.58 6.91 -39.88
C GLU B 21 -31.47 5.87 -40.57
N ALA B 22 -31.34 4.62 -40.15
CA ALA B 22 -32.14 3.54 -40.69
C ALA B 22 -33.62 3.75 -40.36
N ILE B 23 -33.91 4.27 -39.17
CA ILE B 23 -35.28 4.55 -38.75
C ILE B 23 -35.91 5.65 -39.61
N LYS B 24 -35.16 6.74 -39.81
CA LYS B 24 -35.67 7.84 -40.61
C LYS B 24 -35.89 7.43 -42.06
N LEU B 25 -35.15 6.42 -42.48
CA LEU B 25 -35.27 5.92 -43.84
C LEU B 25 -36.53 5.06 -43.98
N LYS B 26 -36.81 4.26 -42.97
CA LYS B 26 -37.94 3.35 -43.01
C LYS B 26 -39.23 3.98 -42.46
N HIS B 27 -39.09 5.17 -41.87
CA HIS B 27 -40.21 5.96 -41.33
C HIS B 27 -41.24 5.10 -40.57
N PRO B 28 -40.80 4.36 -39.54
CA PRO B 28 -41.78 3.56 -38.79
C PRO B 28 -42.64 4.38 -37.82
N THR B 29 -42.26 5.63 -37.59
CA THR B 29 -43.02 6.51 -36.70
C THR B 29 -44.41 6.83 -37.25
N PRO B 30 -45.47 6.61 -36.44
CA PRO B 30 -46.83 7.03 -36.84
C PRO B 30 -46.91 8.55 -37.04
N GLU B 31 -47.77 8.99 -37.96
N GLU B 31 -47.79 9.02 -37.92
CA GLU B 31 -47.86 10.41 -38.33
CA GLU B 31 -47.80 10.43 -38.29
C GLU B 31 -48.76 11.17 -37.37
C GLU B 31 -48.77 11.30 -37.49
N ASN B 32 -50.06 10.98 -37.51
CA ASN B 32 -51.05 11.69 -36.67
C ASN B 32 -51.57 10.85 -35.51
N PHE B 33 -51.90 11.48 -34.39
CA PHE B 33 -52.44 10.77 -33.23
C PHE B 33 -53.50 11.60 -32.50
N GLU B 34 -54.32 10.91 -31.72
CA GLU B 34 -55.37 11.57 -30.93
C GLU B 34 -55.79 10.67 -29.78
N LEU B 35 -55.87 11.28 -28.60
CA LEU B 35 -56.45 10.64 -27.43
C LEU B 35 -57.83 11.20 -27.25
N LEU B 36 -58.85 10.35 -27.38
CA LEU B 36 -60.24 10.74 -27.18
C LEU B 36 -60.79 10.21 -25.85
N ASN B 37 -61.66 10.97 -25.20
CA ASN B 37 -62.41 10.48 -24.05
C ASN B 37 -61.54 9.98 -22.88
N GLY B 38 -60.47 10.70 -22.57
CA GLY B 38 -59.64 10.38 -21.41
C GLY B 38 -60.23 11.02 -20.17
N LYS B 39 -60.04 10.39 -19.00
CA LYS B 39 -60.61 10.88 -17.74
C LYS B 39 -59.97 12.17 -17.28
N TYR B 40 -58.69 12.33 -17.58
CA TYR B 40 -57.95 13.48 -17.10
C TYR B 40 -57.70 14.48 -18.20
N GLY B 41 -58.24 14.19 -19.39
CA GLY B 41 -58.11 15.11 -20.51
C GLY B 41 -57.93 14.37 -21.81
N ASN B 42 -57.78 15.12 -22.90
CA ASN B 42 -57.62 14.55 -24.22
C ASN B 42 -56.62 15.37 -25.03
N CYS B 43 -56.19 14.86 -26.17
CA CYS B 43 -55.19 15.58 -26.94
C CYS B 43 -55.07 15.05 -28.36
N SER B 44 -54.33 15.78 -29.19
CA SER B 44 -54.09 15.38 -30.58
C SER B 44 -52.89 16.16 -31.11
N GLY B 45 -52.31 15.68 -32.19
CA GLY B 45 -51.10 16.26 -32.73
C GLY B 45 -50.48 15.36 -33.78
N SER B 46 -49.25 15.67 -34.16
CA SER B 46 -48.52 14.91 -35.17
C SER B 46 -47.14 14.57 -34.62
N PHE B 47 -46.63 13.40 -34.97
CA PHE B 47 -45.26 13.04 -34.62
C PHE B 47 -44.30 13.33 -35.76
N GLU B 48 -43.08 13.79 -35.47
CA GLU B 48 -42.01 13.63 -36.45
C GLU B 48 -41.29 12.36 -36.05
N GLU B 49 -40.34 11.92 -36.87
CA GLU B 49 -39.70 10.62 -36.67
C GLU B 49 -39.07 10.46 -35.31
N TRP B 50 -39.39 9.37 -34.62
CA TRP B 50 -38.77 9.04 -33.35
C TRP B 50 -37.33 8.60 -33.54
N GLN B 51 -36.48 8.98 -32.59
CA GLN B 51 -35.04 8.70 -32.69
C GLN B 51 -34.46 8.40 -31.31
N ILE B 52 -33.43 7.57 -31.26
CA ILE B 52 -32.72 7.35 -30.01
C ILE B 52 -31.93 8.61 -29.72
N THR B 53 -31.99 9.04 -28.47
CA THR B 53 -31.23 10.19 -28.01
C THR B 53 -30.38 9.78 -26.79
N ASN B 54 -29.55 10.69 -26.29
CA ASN B 54 -28.65 10.33 -25.21
C ASN B 54 -29.36 10.28 -23.85
N GLY B 55 -28.70 9.66 -22.88
CA GLY B 55 -29.17 9.50 -21.53
C GLY B 55 -29.50 8.11 -21.06
N GLY B 56 -29.47 7.16 -21.96
CA GLY B 56 -29.72 5.78 -21.65
C GLY B 56 -28.52 5.02 -21.16
N ASP B 57 -28.71 3.80 -20.72
CA ASP B 57 -27.63 2.96 -20.26
C ASP B 57 -28.08 1.52 -20.19
N GLY B 58 -27.28 0.58 -20.67
CA GLY B 58 -27.67 -0.81 -20.58
C GLY B 58 -28.99 -1.05 -21.26
N SER B 59 -29.93 -1.61 -20.52
CA SER B 59 -31.28 -1.89 -21.01
C SER B 59 -32.04 -0.64 -21.40
N ASN B 60 -31.69 0.48 -20.78
CA ASN B 60 -32.53 1.67 -20.82
C ASN B 60 -32.23 2.54 -22.02
N ILE B 61 -33.26 2.77 -22.83
CA ILE B 61 -33.17 3.55 -24.05
C ILE B 61 -33.95 4.85 -23.96
N ARG B 62 -33.30 5.96 -24.28
CA ARG B 62 -33.98 7.26 -24.33
C ARG B 62 -34.41 7.55 -25.76
N LEU B 63 -35.70 7.90 -25.94
CA LEU B 63 -36.23 8.26 -27.25
C LEU B 63 -36.65 9.71 -27.25
N LYS B 64 -36.27 10.38 -28.32
CA LYS B 64 -36.74 11.71 -28.62
C LYS B 64 -37.97 11.55 -29.50
N ILE B 65 -39.08 12.11 -29.06
CA ILE B 65 -40.35 12.03 -29.78
C ILE B 65 -40.78 13.46 -30.07
N PRO B 66 -40.48 13.94 -31.27
CA PRO B 66 -40.81 15.33 -31.58
C PRO B 66 -42.27 15.45 -31.97
N ILE B 67 -42.95 16.43 -31.38
CA ILE B 67 -44.39 16.56 -31.58
C ILE B 67 -44.67 17.94 -32.13
N LYS B 68 -45.60 18.03 -33.07
CA LYS B 68 -45.99 19.32 -33.63
C LYS B 68 -47.49 19.44 -33.71
N ASN B 69 -47.95 20.67 -33.89
CA ASN B 69 -49.38 20.91 -34.09
C ASN B 69 -50.23 20.25 -33.02
N PHE B 70 -49.83 20.47 -31.77
CA PHE B 70 -50.42 19.77 -30.65
C PHE B 70 -51.48 20.64 -29.96
N LYS B 71 -52.58 20.01 -29.57
CA LYS B 71 -53.49 20.65 -28.67
C LYS B 71 -54.02 19.62 -27.68
N ALA B 72 -54.47 20.11 -26.56
CA ALA B 72 -54.94 19.26 -25.47
C ALA B 72 -55.94 20.01 -24.63
N THR B 73 -56.85 19.23 -24.05
CA THR B 73 -57.81 19.74 -23.08
C THR B 73 -57.47 19.10 -21.75
N ILE B 74 -57.32 19.90 -20.70
CA ILE B 74 -57.09 19.36 -19.37
C ILE B 74 -58.38 19.39 -18.56
N ILE B 75 -58.74 18.25 -17.97
CA ILE B 75 -59.97 18.13 -17.21
C ILE B 75 -59.64 17.88 -15.76
N GLY B 76 -60.12 18.74 -14.88
CA GLY B 76 -59.83 18.61 -13.47
C GLY B 76 -60.54 19.65 -12.62
N ASN B 77 -60.65 19.33 -11.34
CA ASN B 77 -61.22 20.23 -10.34
C ASN B 77 -60.30 21.41 -10.02
N ARG B 78 -59.01 21.22 -10.26
CA ARG B 78 -58.01 22.23 -9.90
C ARG B 78 -57.36 22.85 -11.12
N LEU B 79 -56.68 22.04 -11.92
CA LEU B 79 -56.13 22.48 -13.19
C LEU B 79 -57.12 22.10 -14.28
N ASN B 80 -57.48 23.07 -15.09
CA ASN B 80 -58.55 22.88 -16.05
C ASN B 80 -58.54 23.91 -17.16
N GLY B 81 -58.60 23.45 -18.40
CA GLY B 81 -58.57 24.33 -19.54
C GLY B 81 -58.00 23.68 -20.80
N LYS B 82 -57.87 24.50 -21.85
CA LYS B 82 -57.42 24.07 -23.16
C LYS B 82 -56.12 24.75 -23.53
N GLY B 83 -55.27 24.03 -24.25
CA GLY B 83 -54.00 24.57 -24.68
C GLY B 83 -53.30 23.72 -25.73
N GLY B 84 -52.02 24.02 -25.97
CA GLY B 84 -51.24 23.28 -26.93
C GLY B 84 -49.88 23.89 -27.18
N PHE B 85 -49.18 23.37 -28.18
CA PHE B 85 -47.91 23.94 -28.60
C PHE B 85 -47.66 23.65 -30.08
N ALA B 86 -46.79 24.43 -30.71
CA ALA B 86 -46.52 24.22 -32.13
C ALA B 86 -45.47 23.13 -32.33
N PHE B 87 -44.49 23.10 -31.44
N PHE B 87 -44.48 23.13 -31.43
CA PHE B 87 -43.49 22.03 -31.48
CA PHE B 87 -43.38 22.16 -31.47
C PHE B 87 -42.93 21.75 -30.10
C PHE B 87 -42.99 21.75 -30.05
N ALA B 88 -42.65 20.49 -29.84
CA ALA B 88 -41.97 20.08 -28.63
C ALA B 88 -41.26 18.76 -28.86
N ASN B 89 -40.21 18.56 -28.09
CA ASN B 89 -39.45 17.33 -28.11
C ASN B 89 -39.70 16.59 -26.80
N LEU B 90 -40.60 15.61 -26.82
CA LEU B 90 -40.84 14.74 -25.68
C LEU B 90 -39.74 13.70 -25.54
N GLU B 91 -39.19 13.55 -24.34
CA GLU B 91 -38.23 12.48 -24.10
C GLU B 91 -38.84 11.42 -23.18
N VAL B 92 -38.84 10.18 -23.64
CA VAL B 92 -39.23 9.06 -22.78
C VAL B 92 -38.10 8.05 -22.63
N GLN B 93 -38.20 7.19 -21.62
CA GLN B 93 -37.26 6.09 -21.47
C GLN B 93 -37.99 4.77 -21.57
N VAL B 94 -37.47 3.89 -22.41
CA VAL B 94 -38.08 2.60 -22.61
C VAL B 94 -36.99 1.53 -22.60
N LYS B 95 -37.43 0.28 -22.72
CA LYS B 95 -36.53 -0.83 -22.86
C LYS B 95 -36.83 -1.49 -24.19
N LEU B 96 -35.94 -2.39 -24.60
CA LEU B 96 -36.16 -3.16 -25.81
C LEU B 96 -36.36 -4.60 -25.37
N LYS B 97 -36.78 -5.44 -26.31
CA LYS B 97 -37.07 -6.83 -25.98
C LYS B 97 -36.85 -7.75 -27.18
N TYR B 98 -36.32 -8.94 -26.92
CA TYR B 98 -36.17 -9.96 -27.95
C TYR B 98 -37.41 -10.84 -28.02
N LEU B 99 -38.07 -10.84 -29.17
CA LEU B 99 -39.29 -11.61 -29.35
C LEU B 99 -39.17 -12.58 -30.52
N PRO B 100 -39.86 -13.73 -30.43
CA PRO B 100 -39.88 -14.71 -31.52
C PRO B 100 -40.21 -14.05 -32.86
N HIS B 101 -39.39 -14.37 -33.85
CA HIS B 101 -39.50 -13.84 -35.18
C HIS B 101 -40.58 -14.61 -35.94
N PHE B 102 -41.28 -13.96 -36.86
CA PHE B 102 -42.25 -14.66 -37.68
C PHE B 102 -42.23 -14.15 -39.13
N PRO B 103 -42.11 -15.08 -40.10
CA PRO B 103 -42.20 -16.54 -39.94
C PRO B 103 -40.98 -17.19 -39.29
N GLN B 104 -41.23 -18.26 -38.54
CA GLN B 104 -40.18 -19.00 -37.83
C GLN B 104 -39.19 -19.66 -38.77
N SER B 105 -38.14 -20.23 -38.20
CA SER B 105 -37.17 -21.00 -38.96
C SER B 105 -37.72 -22.40 -39.24
N LYS B 106 -37.42 -22.95 -40.42
CA LYS B 106 -37.83 -24.30 -40.77
C LYS B 106 -36.98 -25.32 -40.00
N ASN B 107 -35.77 -24.89 -39.69
CA ASN B 107 -34.85 -25.65 -38.94
C ASN B 107 -35.30 -25.38 -37.55
N LYS B 108 -35.71 -26.41 -36.85
CA LYS B 108 -36.21 -26.22 -35.51
C LYS B 108 -35.09 -26.26 -34.52
N ASP B 109 -33.87 -26.18 -35.03
CA ASP B 109 -32.67 -26.14 -34.23
C ASP B 109 -32.27 -24.69 -34.06
N ILE B 110 -32.86 -23.85 -34.88
CA ILE B 110 -32.61 -22.42 -34.92
C ILE B 110 -33.88 -21.64 -34.60
N GLU B 111 -33.80 -20.77 -33.59
CA GLU B 111 -34.90 -19.88 -33.23
C GLU B 111 -34.56 -18.44 -33.56
N LEU B 112 -35.30 -17.86 -34.52
CA LEU B 112 -35.04 -16.49 -34.89
C LEU B 112 -35.73 -15.54 -33.91
N VAL B 113 -35.00 -14.56 -33.41
CA VAL B 113 -35.56 -13.59 -32.49
C VAL B 113 -35.30 -12.16 -32.97
N ASP B 114 -36.30 -11.30 -32.80
CA ASP B 114 -36.23 -9.90 -33.21
C ASP B 114 -36.05 -8.99 -32.02
N LEU B 115 -35.24 -7.96 -32.21
CA LEU B 115 -35.08 -6.90 -31.22
C LEU B 115 -36.04 -5.77 -31.53
N LYS B 116 -36.99 -5.54 -30.62
CA LYS B 116 -37.98 -4.48 -30.81
C LYS B 116 -38.26 -3.76 -29.49
N ILE B 117 -38.87 -2.59 -29.56
CA ILE B 117 -39.24 -1.87 -28.35
C ILE B 117 -40.16 -2.73 -27.48
N ARG B 118 -39.90 -2.72 -26.17
CA ARG B 118 -40.81 -3.37 -25.24
C ARG B 118 -42.02 -2.48 -25.06
N THR B 119 -43.21 -3.03 -25.31
CA THR B 119 -44.43 -2.24 -25.31
C THR B 119 -45.20 -2.28 -24.00
N GLN B 120 -44.92 -3.26 -23.15
CA GLN B 120 -45.66 -3.33 -21.89
C GLN B 120 -44.90 -4.09 -20.81
N SER B 121 -45.37 -3.94 -19.58
CA SER B 121 -44.67 -4.48 -18.44
C SER B 121 -45.68 -4.59 -17.32
N ASP B 122 -45.60 -5.63 -16.53
CA ASP B 122 -46.51 -5.77 -15.41
C ASP B 122 -45.75 -5.69 -14.10
N ASN B 123 -44.56 -5.13 -14.17
CA ASN B 123 -43.77 -4.80 -12.98
C ASN B 123 -43.74 -3.28 -12.77
N PRO B 124 -44.44 -2.78 -11.74
CA PRO B 124 -44.56 -1.35 -11.44
C PRO B 124 -43.20 -0.70 -11.24
N GLU B 125 -42.20 -1.46 -10.82
CA GLU B 125 -40.87 -0.90 -10.64
C GLU B 125 -40.12 -0.86 -11.95
N ASP B 126 -40.76 -1.31 -13.03
CA ASP B 126 -40.12 -1.26 -14.35
C ASP B 126 -41.16 -0.88 -15.38
N PRO B 127 -41.55 0.40 -15.38
CA PRO B 127 -42.55 0.94 -16.29
C PRO B 127 -42.10 0.76 -17.73
N ALA B 128 -43.04 0.41 -18.61
CA ALA B 128 -42.76 0.30 -20.03
C ALA B 128 -42.34 1.65 -20.56
N ILE B 129 -42.96 2.70 -20.05
CA ILE B 129 -42.71 4.04 -20.56
C ILE B 129 -42.49 5.04 -19.43
N ILE B 130 -41.32 5.67 -19.40
CA ILE B 130 -41.03 6.68 -18.39
C ILE B 130 -40.86 8.03 -19.07
N VAL B 131 -41.72 8.98 -18.71
CA VAL B 131 -41.59 10.35 -19.20
C VAL B 131 -40.49 11.09 -18.46
N ILE B 132 -39.58 11.68 -19.21
CA ILE B 132 -38.45 12.39 -18.67
C ILE B 132 -38.82 13.84 -18.53
N SER B 133 -38.39 14.47 -17.46
CA SER B 133 -38.72 15.85 -17.22
C SER B 133 -37.80 16.85 -17.95
N SER B 134 -37.91 16.88 -19.27
CA SER B 134 -37.15 17.79 -20.10
C SER B 134 -38.07 18.63 -20.94
N TYR B 135 -37.84 19.93 -20.95
CA TYR B 135 -38.70 20.87 -21.64
C TYR B 135 -37.91 21.67 -22.67
N LYS B 136 -37.43 20.96 -23.69
CA LYS B 136 -36.54 21.52 -24.71
C LYS B 136 -37.25 21.87 -26.01
N ASN B 137 -36.83 22.99 -26.60
CA ASN B 137 -37.39 23.49 -27.85
C ASN B 137 -38.91 23.47 -27.91
N ILE B 138 -39.55 23.92 -26.84
CA ILE B 138 -40.99 24.09 -26.89
C ILE B 138 -41.33 25.42 -27.56
N GLN B 139 -42.05 25.37 -28.67
CA GLN B 139 -42.43 26.58 -29.39
C GLN B 139 -43.94 26.75 -29.40
N GLY B 140 -44.39 27.99 -29.28
CA GLY B 140 -45.81 28.30 -29.39
C GLY B 140 -46.69 27.65 -28.34
N PHE B 141 -46.15 27.48 -27.15
CA PHE B 141 -46.96 27.00 -26.03
C PHE B 141 -48.08 27.99 -25.75
N TYR B 142 -49.25 27.47 -25.43
CA TYR B 142 -50.37 28.30 -24.98
C TYR B 142 -51.28 27.45 -24.12
N PHE B 143 -51.93 28.09 -23.17
CA PHE B 143 -52.90 27.43 -22.32
C PHE B 143 -53.79 28.47 -21.68
N GLU B 144 -55.08 28.20 -21.63
CA GLU B 144 -56.02 29.06 -20.92
C GLU B 144 -56.42 28.44 -19.60
N ASP B 145 -55.95 29.03 -18.52
CA ASP B 145 -56.19 28.51 -17.18
C ASP B 145 -57.42 29.13 -16.53
N GLU B 146 -58.33 28.31 -16.03
CA GLU B 146 -59.53 28.84 -15.41
C GLU B 146 -59.28 29.41 -14.01
N TYR B 147 -58.13 29.13 -13.43
CA TYR B 147 -57.80 29.61 -12.09
C TYR B 147 -56.31 29.93 -11.91
N LYS B 148 -55.50 28.90 -11.56
N LYS B 148 -55.49 28.91 -11.55
CA LYS B 148 -54.14 29.09 -11.04
CA LYS B 148 -54.13 29.15 -11.09
C LYS B 148 -53.01 28.63 -11.99
C LYS B 148 -53.05 28.71 -12.08
N LEU B 149 -51.93 29.44 -12.06
CA LEU B 149 -50.76 29.12 -12.90
C LEU B 149 -49.53 29.96 -12.55
N THR B 150 -49.31 30.23 -11.28
CA THR B 150 -48.14 31.00 -10.91
C THR B 150 -46.90 30.17 -11.20
N GLU B 151 -46.94 28.87 -10.94
CA GLU B 151 -45.82 27.99 -11.29
C GLU B 151 -45.98 28.01 -12.81
N ASP B 152 -44.90 27.93 -13.54
CA ASP B 152 -44.98 28.12 -14.97
C ASP B 152 -45.70 27.13 -15.86
N ASP B 153 -45.54 27.43 -17.12
CA ASP B 153 -46.07 26.71 -18.20
C ASP B 153 -45.45 25.32 -18.15
N GLU B 154 -44.32 25.18 -17.47
CA GLU B 154 -43.68 23.88 -17.35
C GLU B 154 -44.61 22.85 -16.72
N PHE B 155 -45.41 23.30 -15.76
CA PHE B 155 -46.33 22.38 -15.13
C PHE B 155 -47.39 21.86 -16.09
N VAL B 156 -47.96 22.76 -16.88
CA VAL B 156 -48.97 22.39 -17.85
C VAL B 156 -48.36 21.43 -18.88
N VAL B 157 -47.14 21.73 -19.31
CA VAL B 157 -46.45 20.90 -20.29
C VAL B 157 -46.25 19.48 -19.76
N SER B 158 -45.88 19.36 -18.49
CA SER B 158 -45.72 18.04 -17.88
C SER B 158 -47.02 17.26 -17.93
N TYR B 159 -48.12 17.97 -17.71
CA TYR B 159 -49.45 17.37 -17.79
C TYR B 159 -49.73 16.91 -19.21
N PHE B 160 -49.42 17.75 -20.20
CA PHE B 160 -49.59 17.39 -21.61
C PHE B 160 -48.87 16.09 -21.94
N TYR B 161 -47.61 16.01 -21.50
CA TYR B 161 -46.76 14.85 -21.77
C TYR B 161 -47.38 13.58 -21.17
N ARG B 162 -48.11 13.73 -20.08
CA ARG B 162 -48.73 12.55 -19.48
C ARG B 162 -49.94 12.12 -20.29
N LEU B 163 -50.59 13.08 -20.94
CA LEU B 163 -51.69 12.76 -21.85
C LEU B 163 -51.14 12.03 -23.05
N ILE B 164 -50.04 12.55 -23.60
CA ILE B 164 -49.36 11.89 -24.71
C ILE B 164 -48.92 10.49 -24.26
N LYS B 165 -48.47 10.36 -23.01
CA LYS B 165 -48.07 9.06 -22.49
C LYS B 165 -49.22 8.07 -22.47
N GLU B 166 -50.42 8.53 -22.09
CA GLU B 166 -51.62 7.67 -22.11
C GLU B 166 -51.86 7.09 -23.50
N TRP B 167 -51.72 7.92 -24.54
CA TRP B 167 -51.86 7.45 -25.92
C TRP B 167 -50.78 6.42 -26.24
N LEU B 168 -49.54 6.76 -25.91
CA LEU B 168 -48.38 5.87 -26.11
C LEU B 168 -48.56 4.49 -25.49
N GLU B 169 -49.17 4.45 -24.31
CA GLU B 169 -49.39 3.23 -23.59
C GLU B 169 -50.21 2.31 -24.39
N LYS B 170 -51.16 2.83 -25.14
CA LYS B 170 -51.99 2.04 -26.00
C LYS B 170 -51.53 1.95 -27.43
N ASN B 171 -50.53 2.72 -27.83
CA ASN B 171 -50.11 2.71 -29.22
C ASN B 171 -48.62 2.54 -29.61
N LEU B 172 -47.77 2.19 -28.67
CA LEU B 172 -46.33 2.05 -28.92
C LEU B 172 -46.06 1.01 -29.99
N HIS B 173 -46.93 0.03 -30.06
CA HIS B 173 -46.82 -1.00 -31.05
C HIS B 173 -46.84 -0.38 -32.43
N PHE B 174 -47.37 0.79 -32.59
CA PHE B 174 -47.38 1.44 -33.89
C PHE B 174 -45.95 1.67 -34.37
N PHE B 175 -45.00 1.65 -33.43
CA PHE B 175 -43.59 1.77 -33.77
C PHE B 175 -42.96 0.38 -33.75
N ASN B 176 -43.17 -0.40 -34.81
N ASN B 176 -43.22 -0.39 -34.80
CA ASN B 176 -42.63 -1.77 -34.82
CA ASN B 176 -42.65 -1.73 -34.92
C ASN B 176 -41.38 -1.90 -35.69
C ASN B 176 -41.44 -1.74 -35.83
N TYR B 177 -40.37 -1.12 -35.36
CA TYR B 177 -39.08 -1.24 -36.02
C TYR B 177 -38.33 -2.45 -35.44
N ILE B 178 -37.74 -3.27 -36.33
CA ILE B 178 -36.90 -4.39 -35.90
C ILE B 178 -35.45 -3.93 -35.89
N PHE B 179 -34.84 -3.84 -34.72
CA PHE B 179 -33.50 -3.28 -34.62
C PHE B 179 -32.51 -4.24 -35.22
N ASN B 180 -32.61 -5.50 -34.82
CA ASN B 180 -31.82 -6.56 -35.39
C ASN B 180 -32.52 -7.88 -35.21
N THR B 181 -31.99 -8.90 -35.88
CA THR B 181 -32.52 -10.24 -35.79
C THR B 181 -31.38 -11.20 -35.49
N VAL B 182 -31.61 -12.13 -34.56
CA VAL B 182 -30.56 -13.03 -34.14
C VAL B 182 -30.98 -14.49 -34.24
N ASN B 183 -30.11 -15.32 -34.80
CA ASN B 183 -30.33 -16.76 -34.89
C ASN B 183 -29.88 -17.46 -33.63
N LEU B 184 -30.82 -17.93 -32.82
CA LEU B 184 -30.41 -18.70 -31.64
C LEU B 184 -30.24 -20.16 -32.00
N ASN B 185 -29.02 -20.65 -31.90
CA ASN B 185 -28.74 -22.06 -32.11
C ASN B 185 -28.99 -22.84 -30.81
N LEU B 186 -30.19 -23.32 -30.65
CA LEU B 186 -30.48 -24.15 -29.53
C LEU B 186 -29.92 -25.48 -30.00
N TYR B 187 -29.72 -26.41 -29.09
CA TYR B 187 -29.20 -27.71 -29.48
C TYR B 187 -27.90 -27.72 -30.27
N ILE B 188 -26.81 -27.25 -29.68
CA ILE B 188 -25.53 -27.31 -30.35
C ILE B 188 -24.84 -28.53 -29.75
N SER B 189 -24.43 -29.45 -30.61
CA SER B 189 -23.77 -30.69 -30.20
C SER B 189 -23.07 -31.44 -31.32
N ASP B 190 -22.38 -32.50 -30.94
CA ASP B 190 -21.69 -33.39 -31.89
C ASP B 190 -20.60 -32.65 -32.66
N LYS B 191 -20.70 -32.72 -33.99
CA LYS B 191 -19.69 -32.25 -34.92
C LYS B 191 -19.88 -30.80 -35.36
N GLU B 192 -20.60 -30.01 -34.59
CA GLU B 192 -20.86 -28.62 -34.97
C GLU B 192 -19.58 -27.81 -35.12
N LYS B 193 -19.48 -27.04 -36.20
CA LYS B 193 -18.37 -26.13 -36.41
C LYS B 193 -18.61 -24.80 -35.68
N TRP B 194 -17.53 -24.08 -35.37
CA TRP B 194 -17.63 -22.74 -34.80
C TRP B 194 -18.63 -22.62 -33.67
N GLU B 195 -18.70 -23.61 -32.79
CA GLU B 195 -19.73 -23.57 -31.75
C GLU B 195 -19.53 -22.37 -30.83
N TRP B 196 -18.29 -21.91 -30.70
CA TRP B 196 -17.99 -20.79 -29.80
C TRP B 196 -18.45 -19.44 -30.37
N THR B 197 -18.95 -19.41 -31.60
CA THR B 197 -19.49 -18.18 -32.15
C THR B 197 -20.98 -18.26 -32.51
N LYS B 198 -21.59 -19.42 -32.28
CA LYS B 198 -23.02 -19.55 -32.54
C LYS B 198 -23.82 -19.22 -31.27
N PRO B 199 -24.63 -18.15 -31.33
CA PRO B 199 -25.34 -17.66 -30.14
C PRO B 199 -26.36 -18.66 -29.59
N SER B 200 -26.38 -18.80 -28.27
CA SER B 200 -27.35 -19.65 -27.60
C SER B 200 -28.18 -18.84 -26.61
N TYR B 201 -27.77 -17.59 -26.42
CA TYR B 201 -28.51 -16.66 -25.56
C TYR B 201 -28.12 -15.25 -25.98
N VAL B 202 -29.10 -14.37 -26.14
CA VAL B 202 -28.79 -13.02 -26.61
C VAL B 202 -29.44 -11.93 -25.74
N ASP B 203 -28.74 -10.82 -25.58
CA ASP B 203 -29.28 -9.64 -24.91
C ASP B 203 -28.67 -8.41 -25.58
N TYR B 204 -29.04 -7.22 -25.12
CA TYR B 204 -28.61 -6.00 -25.79
C TYR B 204 -28.12 -5.00 -24.76
N ALA B 205 -27.50 -3.91 -25.22
CA ALA B 205 -27.05 -2.84 -24.33
C ALA B 205 -26.84 -1.53 -25.10
N TYR B 206 -27.36 -0.45 -24.54
CA TYR B 206 -27.03 0.89 -24.99
C TYR B 206 -25.82 1.39 -24.21
N SER B 207 -24.83 1.91 -24.92
CA SER B 207 -23.65 2.45 -24.25
C SER B 207 -23.27 3.82 -24.76
N GLU B 208 -23.13 4.75 -23.85
CA GLU B 208 -22.68 6.06 -24.18
C GLU B 208 -21.49 6.46 -23.35
N ILE B 209 -20.66 7.26 -23.95
CA ILE B 209 -19.49 7.85 -23.33
C ILE B 209 -19.58 9.34 -23.51
N GLU B 210 -18.96 10.16 -22.70
CA GLU B 210 -18.96 11.59 -22.98
C GLU B 210 -17.75 11.93 -23.85
N GLY B 211 -17.84 11.92 -25.18
CA GLY B 211 -18.66 12.74 -26.06
C GLY B 211 -19.78 11.90 -26.64
N ASP B 212 -21.00 12.36 -26.45
CA ASP B 212 -22.21 11.62 -26.75
C ASP B 212 -22.62 11.38 -28.14
N LEU B 213 -23.55 10.42 -28.23
CA LEU B 213 -24.30 9.91 -29.39
C LEU B 213 -23.54 9.59 -30.63
N SER B 214 -22.68 10.50 -30.98
CA SER B 214 -21.79 10.32 -32.08
C SER B 214 -20.89 9.18 -31.70
N ARG B 215 -20.58 9.08 -30.43
CA ARG B 215 -19.73 8.00 -30.01
C ARG B 215 -20.49 6.91 -29.30
N SER B 216 -21.80 6.98 -29.29
CA SER B 216 -22.62 6.00 -28.59
C SER B 216 -23.05 4.86 -29.50
N ALA B 217 -23.29 3.70 -28.91
CA ALA B 217 -23.53 2.49 -29.68
C ALA B 217 -24.67 1.66 -29.11
N LEU B 218 -25.24 0.83 -29.96
CA LEU B 218 -26.18 -0.19 -29.52
C LEU B 218 -25.49 -1.50 -29.75
N GLY B 219 -25.54 -2.36 -28.74
CA GLY B 219 -24.80 -3.59 -28.81
C GLY B 219 -25.65 -4.82 -28.67
N VAL B 220 -25.34 -5.81 -29.49
CA VAL B 220 -25.88 -7.14 -29.33
C VAL B 220 -24.87 -7.99 -28.57
N LEU B 221 -25.28 -8.52 -27.43
CA LEU B 221 -24.40 -9.33 -26.59
C LEU B 221 -24.86 -10.79 -26.58
N CYS B 222 -23.97 -11.72 -26.97
CA CYS B 222 -24.33 -13.13 -27.00
C CYS B 222 -23.48 -14.01 -26.09
N MET B 223 -24.13 -14.97 -25.46
CA MET B 223 -23.43 -16.13 -24.95
C MET B 223 -23.55 -17.22 -26.02
N THR B 224 -22.49 -17.98 -26.23
CA THR B 224 -22.49 -18.97 -27.31
C THR B 224 -22.27 -20.39 -26.79
N GLY B 225 -22.31 -21.35 -27.71
CA GLY B 225 -21.94 -22.72 -27.39
C GLY B 225 -22.84 -23.39 -26.37
N GLY B 226 -24.08 -22.94 -26.30
CA GLY B 226 -25.02 -23.48 -25.33
C GLY B 226 -25.00 -22.76 -24.00
N ARG B 227 -24.06 -21.84 -23.81
CA ARG B 227 -24.00 -21.08 -22.57
C ARG B 227 -25.18 -20.10 -22.46
N THR B 228 -25.54 -19.76 -21.22
CA THR B 228 -26.64 -18.82 -20.97
C THR B 228 -26.14 -17.58 -20.23
N GLY B 229 -27.00 -16.59 -20.07
CA GLY B 229 -26.62 -15.39 -19.33
C GLY B 229 -26.67 -15.64 -17.83
N SER B 230 -26.16 -14.69 -17.06
CA SER B 230 -26.23 -14.76 -15.61
C SER B 230 -25.92 -13.39 -15.01
N LYS B 231 -25.89 -13.32 -13.68
CA LYS B 231 -25.52 -12.11 -12.96
C LYS B 231 -24.09 -11.73 -13.30
N ASN B 232 -23.34 -12.72 -13.77
CA ASN B 232 -21.97 -12.54 -14.26
C ASN B 232 -21.89 -11.60 -15.46
N GLN B 233 -22.99 -11.52 -16.20
CA GLN B 233 -23.05 -10.68 -17.39
C GLN B 233 -23.74 -9.36 -17.09
N GLN B 234 -23.13 -8.27 -17.53
CA GLN B 234 -23.71 -6.95 -17.45
C GLN B 234 -24.03 -6.43 -18.83
N GLN B 235 -25.03 -5.56 -18.89
CA GLN B 235 -25.43 -4.94 -20.13
C GLN B 235 -24.55 -3.72 -20.39
N LYS B 236 -23.37 -3.99 -20.93
CA LYS B 236 -22.37 -2.98 -21.15
C LYS B 236 -21.48 -3.32 -22.33
N ILE B 237 -21.02 -2.29 -23.01
CA ILE B 237 -20.06 -2.43 -24.10
C ILE B 237 -18.80 -1.67 -23.72
N ASP B 238 -17.65 -2.27 -24.00
CA ASP B 238 -16.38 -1.59 -23.79
C ASP B 238 -16.28 -0.44 -24.79
N PRO B 239 -15.73 0.71 -24.36
CA PRO B 239 -15.59 1.90 -25.21
C PRO B 239 -14.76 1.68 -26.47
N TYR B 240 -13.92 0.64 -26.48
CA TYR B 240 -13.01 0.41 -27.60
C TYR B 240 -13.43 -0.80 -28.44
N ALA B 241 -14.69 -1.22 -28.28
CA ALA B 241 -15.23 -2.38 -29.01
C ALA B 241 -15.17 -2.18 -30.52
N ILE B 242 -15.52 -0.98 -30.96
CA ILE B 242 -15.48 -0.70 -32.38
C ILE B 242 -14.14 -0.14 -32.75
N PRO B 243 -13.45 -0.82 -33.68
CA PRO B 243 -12.17 -0.35 -34.22
C PRO B 243 -12.30 1.13 -34.59
N ALA B 244 -11.30 1.93 -34.24
CA ALA B 244 -11.33 3.36 -34.56
C ALA B 244 -11.44 3.57 -36.07
N ALA B 245 -11.00 2.57 -36.82
CA ALA B 245 -10.93 2.60 -38.28
C ALA B 245 -12.24 2.26 -38.98
N SER B 246 -13.18 1.68 -38.23
CA SER B 246 -14.36 1.08 -38.84
C SER B 246 -15.65 1.66 -38.28
N GLN B 247 -16.75 1.40 -38.99
CA GLN B 247 -18.06 1.86 -38.57
C GLN B 247 -18.57 1.04 -37.41
N SER B 248 -18.61 -0.27 -37.59
CA SER B 248 -19.15 -1.18 -36.58
C SER B 248 -18.14 -2.23 -36.16
N GLY B 249 -18.35 -2.85 -35.01
CA GLY B 249 -17.37 -3.79 -34.47
C GLY B 249 -17.96 -5.11 -34.01
N PHE B 250 -17.23 -6.19 -34.26
CA PHE B 250 -17.63 -7.51 -33.77
C PHE B 250 -16.48 -8.09 -32.97
N LEU B 251 -16.79 -8.58 -31.77
CA LEU B 251 -15.80 -9.14 -30.86
C LEU B 251 -16.06 -10.61 -30.55
N ILE B 252 -15.00 -11.43 -30.58
CA ILE B 252 -15.08 -12.81 -30.13
C ILE B 252 -14.17 -12.98 -28.92
N SER B 253 -14.75 -13.35 -27.78
CA SER B 253 -14.03 -13.35 -26.52
C SER B 253 -12.71 -14.13 -26.57
N GLU B 254 -11.65 -13.48 -26.10
CA GLU B 254 -10.34 -14.11 -25.94
C GLU B 254 -10.46 -15.40 -25.11
N GLU B 255 -11.44 -15.45 -24.22
CA GLU B 255 -11.65 -16.65 -23.42
C GLU B 255 -12.04 -17.83 -24.30
N ARG B 256 -12.89 -17.57 -25.29
CA ARG B 256 -13.29 -18.62 -26.22
C ARG B 256 -12.16 -18.99 -27.15
N LEU B 257 -11.42 -17.98 -27.64
CA LEU B 257 -10.27 -18.28 -28.48
C LEU B 257 -9.33 -19.25 -27.78
N LEU B 258 -9.16 -19.08 -26.47
CA LEU B 258 -8.17 -19.85 -25.73
C LEU B 258 -8.71 -21.25 -25.37
N ARG B 259 -9.93 -21.30 -24.85
CA ARG B 259 -10.53 -22.55 -24.40
C ARG B 259 -10.93 -23.44 -25.59
N ASN B 260 -11.44 -22.83 -26.65
CA ASN B 260 -12.07 -23.61 -27.72
C ASN B 260 -11.18 -23.81 -28.94
N ILE B 261 -10.14 -23.01 -29.10
CA ILE B 261 -9.21 -23.22 -30.20
C ILE B 261 -7.83 -23.71 -29.72
N LEU B 262 -7.13 -22.89 -28.93
CA LEU B 262 -5.76 -23.23 -28.58
C LEU B 262 -5.62 -24.35 -27.56
N LEU B 263 -6.47 -24.37 -26.54
CA LEU B 263 -6.33 -25.39 -25.51
C LEU B 263 -6.48 -26.83 -26.04
N PRO B 264 -7.45 -27.10 -26.95
CA PRO B 264 -7.49 -28.46 -27.50
C PRO B 264 -6.36 -28.75 -28.48
N THR B 265 -5.77 -27.70 -29.06
CA THR B 265 -4.77 -27.84 -30.12
C THR B 265 -3.35 -28.00 -29.58
N ILE B 266 -3.05 -27.30 -28.50
CA ILE B 266 -1.67 -27.25 -28.00
C ILE B 266 -1.04 -28.61 -27.62
N PRO B 267 -1.83 -29.60 -27.14
CA PRO B 267 -1.11 -30.87 -26.91
C PRO B 267 -0.46 -31.46 -28.16
N LYS B 268 -1.06 -31.24 -29.33
CA LYS B 268 -0.60 -31.88 -30.56
C LYS B 268 0.80 -31.42 -30.96
N LYS B 269 1.28 -30.34 -30.34
CA LYS B 269 2.65 -29.89 -30.49
C LYS B 269 3.63 -30.79 -29.73
N PHE B 270 3.14 -31.48 -28.70
CA PHE B 270 4.01 -32.30 -27.87
C PHE B 270 3.48 -33.73 -27.72
N PRO B 271 3.65 -34.56 -28.76
CA PRO B 271 3.28 -35.97 -28.61
C PRO B 271 4.12 -36.66 -27.54
N LYS B 272 5.16 -35.98 -27.07
CA LYS B 272 5.92 -36.42 -25.90
C LYS B 272 4.99 -36.43 -24.67
N SER B 273 4.26 -35.34 -24.49
CA SER B 273 3.42 -35.14 -23.31
C SER B 273 2.23 -36.10 -23.28
N LYS B 274 1.51 -36.08 -22.16
CA LYS B 274 0.35 -36.93 -21.98
C LYS B 274 -0.88 -36.27 -22.58
N GLY B 275 -0.90 -34.95 -22.59
CA GLY B 275 -1.99 -34.19 -23.18
C GLY B 275 -2.92 -33.55 -22.17
N ASP B 276 -2.71 -33.84 -20.89
CA ASP B 276 -3.59 -33.28 -19.86
C ASP B 276 -2.93 -32.14 -19.06
N GLU B 277 -1.81 -31.60 -19.55
CA GLU B 277 -1.01 -30.68 -18.76
C GLU B 277 -1.46 -29.21 -18.79
N PHE B 278 -2.39 -28.86 -19.67
CA PHE B 278 -2.70 -27.44 -19.87
C PHE B 278 -4.05 -27.01 -19.32
N GLU B 279 -4.18 -25.71 -19.07
CA GLU B 279 -5.41 -25.15 -18.50
C GLU B 279 -5.59 -23.69 -18.91
N VAL B 280 -6.85 -23.25 -18.96
CA VAL B 280 -7.13 -21.84 -19.16
C VAL B 280 -7.69 -21.29 -17.86
N ILE B 281 -7.05 -20.27 -17.28
CA ILE B 281 -7.57 -19.66 -16.05
C ILE B 281 -7.79 -18.15 -16.20
N ASN B 282 -8.24 -17.54 -15.11
CA ASN B 282 -8.52 -16.11 -15.01
C ASN B 282 -7.42 -15.17 -14.44
N GLU B 283 -6.20 -15.66 -14.21
CA GLU B 283 -5.22 -14.85 -13.47
C GLU B 283 -4.18 -14.10 -14.31
N SER B 284 -4.41 -12.80 -14.53
CA SER B 284 -3.41 -11.92 -15.16
C SER B 284 -3.72 -10.43 -14.94
N SER B 285 -2.70 -9.59 -15.12
CA SER B 285 -2.78 -8.16 -14.85
C SER B 285 -3.12 -7.38 -16.13
N GLN B 286 -3.62 -6.14 -16.04
CA GLN B 286 -3.82 -5.41 -14.78
C GLN B 286 -5.17 -4.72 -14.72
N GLY B 287 -5.50 -3.96 -15.76
CA GLY B 287 -6.75 -3.21 -15.80
C GLY B 287 -7.97 -4.08 -16.05
N GLY B 288 -9.12 -3.44 -16.20
CA GLY B 288 -10.37 -4.14 -16.47
C GLY B 288 -10.86 -4.96 -15.30
N GLY B 289 -11.63 -6.00 -15.60
CA GLY B 289 -12.14 -6.91 -14.59
C GLY B 289 -11.18 -8.07 -14.40
N TYR B 290 -11.08 -8.90 -15.44
CA TYR B 290 -10.07 -9.96 -15.46
C TYR B 290 -9.68 -10.38 -16.87
N SER B 291 -8.52 -11.03 -16.94
CA SER B 291 -7.94 -11.48 -18.19
C SER B 291 -7.74 -12.99 -18.17
N TYR B 292 -7.63 -13.58 -19.35
CA TYR B 292 -7.52 -15.02 -19.47
C TYR B 292 -6.14 -15.45 -19.98
N ILE B 293 -5.57 -16.47 -19.36
CA ILE B 293 -4.28 -17.00 -19.82
C ILE B 293 -4.32 -18.52 -19.93
N LEU B 294 -3.57 -19.05 -20.88
CA LEU B 294 -3.43 -20.49 -21.03
C LEU B 294 -2.03 -20.85 -20.56
N LYS B 295 -1.96 -21.75 -19.57
CA LYS B 295 -0.74 -22.10 -18.88
C LYS B 295 -0.64 -23.60 -18.60
N LEU B 296 0.55 -24.02 -18.17
CA LEU B 296 0.72 -25.34 -17.56
C LEU B 296 0.02 -25.39 -16.22
N LYS B 297 -0.59 -26.52 -15.92
CA LYS B 297 -1.10 -26.76 -14.59
C LYS B 297 0.09 -26.84 -13.63
N LYS B 298 -0.13 -26.45 -12.38
CA LYS B 298 0.91 -26.51 -11.35
C LYS B 298 1.52 -27.91 -11.26
N GLY B 299 2.84 -27.99 -11.18
CA GLY B 299 3.48 -29.28 -11.01
C GLY B 299 3.85 -29.98 -12.31
N LYS B 300 3.28 -29.52 -13.42
CA LYS B 300 3.50 -30.21 -14.69
C LYS B 300 4.71 -29.66 -15.43
N LYS B 301 5.32 -30.51 -16.25
CA LYS B 301 6.38 -30.10 -17.17
C LYS B 301 6.25 -30.83 -18.49
N ILE B 302 6.87 -30.29 -19.53
CA ILE B 302 6.75 -30.87 -20.86
C ILE B 302 8.13 -31.13 -21.42
N ASP B 303 8.50 -32.38 -21.58
CA ASP B 303 9.80 -32.71 -22.17
C ASP B 303 9.83 -32.34 -23.65
N LEU B 304 10.98 -31.83 -24.09
CA LEU B 304 11.12 -31.38 -25.46
C LEU B 304 12.17 -32.26 -26.13
N GLU B 305 12.53 -31.94 -27.38
CA GLU B 305 13.49 -32.79 -28.09
C GLU B 305 14.88 -32.62 -27.51
N ASN B 306 15.67 -33.68 -27.50
CA ASN B 306 16.98 -33.67 -26.86
C ASN B 306 17.99 -32.79 -27.58
N ILE B 307 18.90 -32.24 -26.80
CA ILE B 307 20.00 -31.46 -27.36
C ILE B 307 21.33 -32.00 -26.85
N GLN B 308 22.39 -31.69 -27.61
CA GLN B 308 23.73 -31.92 -27.15
C GLN B 308 24.21 -30.67 -26.45
N ALA B 309 24.76 -30.83 -25.25
CA ALA B 309 25.27 -29.67 -24.53
C ALA B 309 26.53 -30.05 -23.75
N VAL B 310 27.64 -29.41 -24.13
CA VAL B 310 28.98 -29.66 -23.58
C VAL B 310 29.31 -31.15 -23.37
N GLY B 311 28.85 -31.95 -24.32
CA GLY B 311 29.21 -33.35 -24.34
C GLY B 311 28.13 -34.27 -23.82
N TYR B 312 27.03 -33.69 -23.35
CA TYR B 312 25.97 -34.50 -22.78
C TYR B 312 24.66 -34.36 -23.54
N THR B 313 23.93 -35.45 -23.60
CA THR B 313 22.61 -35.44 -24.16
C THR B 313 21.64 -35.04 -23.07
N CYS B 314 20.94 -33.92 -23.25
CA CYS B 314 20.00 -33.42 -22.23
C CYS B 314 18.62 -33.23 -22.83
N THR B 315 17.60 -33.37 -21.98
CA THR B 315 16.21 -33.12 -22.36
C THR B 315 15.71 -31.80 -21.79
N PRO B 316 15.62 -30.75 -22.64
CA PRO B 316 15.01 -29.51 -22.15
C PRO B 316 13.58 -29.76 -21.81
N TYR B 317 13.02 -29.03 -20.86
CA TYR B 317 11.59 -29.12 -20.62
C TYR B 317 10.98 -27.76 -20.35
N ILE B 318 9.69 -27.65 -20.63
CA ILE B 318 8.95 -26.47 -20.30
C ILE B 318 8.52 -26.55 -18.84
N GLN B 319 9.01 -25.62 -18.04
CA GLN B 319 8.76 -25.60 -16.62
C GLN B 319 7.57 -24.70 -16.31
N GLU B 320 7.32 -23.74 -17.18
CA GLU B 320 6.23 -22.79 -16.96
C GLU B 320 5.97 -22.10 -18.29
N MET B 321 4.72 -21.76 -18.57
CA MET B 321 4.41 -20.99 -19.76
C MET B 321 3.12 -20.21 -19.62
N LYS B 322 3.02 -19.12 -20.38
CA LYS B 322 1.82 -18.31 -20.39
C LYS B 322 1.55 -17.91 -21.81
N ILE B 323 0.33 -18.20 -22.26
CA ILE B 323 -0.17 -17.70 -23.52
C ILE B 323 -1.28 -16.76 -23.15
N TYR B 324 -1.23 -15.54 -23.69
CA TYR B 324 -2.19 -14.52 -23.30
C TYR B 324 -2.31 -13.43 -24.37
N LEU B 325 -3.37 -12.64 -24.25
CA LEU B 325 -3.72 -11.59 -25.20
C LEU B 325 -3.43 -10.24 -24.58
N LEU B 326 -2.57 -9.44 -25.22
CA LEU B 326 -2.19 -8.15 -24.66
C LEU B 326 -2.00 -7.09 -25.73
N GLY B 327 -2.68 -5.96 -25.57
CA GLY B 327 -2.67 -4.92 -26.59
C GLY B 327 -3.14 -5.46 -27.93
N SER B 328 -2.27 -5.40 -28.92
CA SER B 328 -2.51 -5.90 -30.25
C SER B 328 -2.04 -7.32 -30.48
N TYR B 329 -1.61 -8.00 -29.43
CA TYR B 329 -0.79 -9.19 -29.63
C TYR B 329 -1.29 -10.47 -28.98
N LEU B 330 -0.97 -11.57 -29.64
CA LEU B 330 -0.93 -12.87 -29.01
C LEU B 330 0.46 -13.01 -28.46
N LYS B 331 0.59 -13.21 -27.16
CA LYS B 331 1.92 -13.32 -26.56
C LYS B 331 2.14 -14.71 -25.99
N LEU B 332 3.36 -15.21 -26.16
CA LEU B 332 3.79 -16.49 -25.63
C LEU B 332 5.02 -16.27 -24.80
N GLU B 333 4.99 -16.74 -23.56
CA GLU B 333 6.16 -16.76 -22.68
C GLU B 333 6.37 -18.22 -22.32
N THR B 334 7.57 -18.72 -22.55
CA THR B 334 7.90 -20.10 -22.24
C THR B 334 9.15 -20.12 -21.40
N THR B 335 9.08 -20.79 -20.26
CA THR B 335 10.28 -20.99 -19.46
C THR B 335 10.84 -22.38 -19.68
N THR B 336 11.96 -22.47 -20.39
CA THR B 336 12.59 -23.77 -20.60
C THR B 336 13.73 -24.03 -19.61
N ARG B 337 13.82 -25.25 -19.11
CA ARG B 337 14.88 -25.58 -18.18
C ARG B 337 15.66 -26.75 -18.71
N VAL B 338 16.97 -26.72 -18.49
CA VAL B 338 17.85 -27.84 -18.82
C VAL B 338 18.76 -28.09 -17.62
N ASP B 339 18.83 -29.35 -17.16
CA ASP B 339 19.72 -29.72 -16.08
C ASP B 339 20.90 -30.55 -16.58
N LEU B 340 22.11 -30.02 -16.43
CA LEU B 340 23.33 -30.75 -16.73
C LEU B 340 23.66 -31.70 -15.58
N PRO B 341 24.03 -32.95 -15.91
CA PRO B 341 24.35 -33.96 -14.88
C PRO B 341 25.50 -33.55 -13.95
N LEU B 342 26.32 -32.62 -14.39
CA LEU B 342 27.41 -32.07 -13.58
C LEU B 342 26.87 -31.27 -12.40
N GLY B 343 25.61 -30.88 -12.47
CA GLY B 343 25.01 -30.16 -11.37
C GLY B 343 24.83 -28.67 -11.65
N VAL B 344 24.44 -28.36 -12.87
CA VAL B 344 24.11 -26.96 -13.17
C VAL B 344 22.80 -26.98 -13.94
N ALA B 345 21.95 -26.03 -13.60
CA ALA B 345 20.65 -25.83 -14.24
C ALA B 345 20.61 -24.50 -15.00
N SER B 346 20.18 -24.57 -16.27
CA SER B 346 19.87 -23.41 -17.09
C SER B 346 18.38 -23.10 -17.11
N ILE B 347 18.02 -21.82 -16.96
CA ILE B 347 16.62 -21.40 -17.03
C ILE B 347 16.47 -20.23 -18.02
N CYS B 348 15.69 -20.42 -19.09
CA CYS B 348 15.41 -19.31 -20.00
C CYS B 348 13.93 -18.95 -19.97
N GLU B 349 13.65 -17.67 -19.79
CA GLU B 349 12.28 -17.17 -19.91
C GLU B 349 12.20 -16.40 -21.20
N THR B 350 11.53 -16.97 -22.20
CA THR B 350 11.53 -16.45 -23.55
C THR B 350 10.15 -15.97 -24.00
N THR B 351 10.07 -14.73 -24.49
CA THR B 351 8.76 -14.17 -24.87
C THR B 351 8.71 -13.82 -26.35
N CYS B 352 7.70 -14.36 -27.05
CA CYS B 352 7.42 -14.04 -28.44
C CYS B 352 6.04 -13.39 -28.58
N GLU B 353 5.84 -12.65 -29.67
CA GLU B 353 4.65 -11.79 -29.87
C GLU B 353 4.14 -11.91 -31.29
N TYR B 354 2.83 -11.96 -31.47
CA TYR B 354 2.23 -12.13 -32.79
C TYR B 354 1.05 -11.20 -33.01
N LYS B 355 1.02 -10.53 -34.17
CA LYS B 355 -0.08 -9.68 -34.58
C LYS B 355 -0.96 -10.41 -35.59
N PHE B 356 -2.25 -10.07 -35.64
CA PHE B 356 -3.17 -10.52 -36.71
C PHE B 356 -3.63 -9.34 -37.56
N LYS B 357 -3.99 -9.62 -38.81
CA LYS B 357 -4.50 -8.58 -39.68
C LYS B 357 -5.38 -9.14 -40.81
N LEU B 358 -6.19 -8.27 -41.38
CA LEU B 358 -6.96 -8.61 -42.57
C LEU B 358 -6.02 -8.73 -43.74
N SER B 359 -6.15 -9.81 -44.51
CA SER B 359 -5.30 -10.03 -45.68
C SER B 359 -6.11 -10.67 -46.82
N THR B 360 -5.44 -10.99 -47.92
CA THR B 360 -6.06 -11.71 -49.02
C THR B 360 -5.17 -12.85 -49.54
N ASN B 361 -5.80 -13.96 -49.92
CA ASN B 361 -5.09 -15.06 -50.59
C ASN B 361 -4.95 -14.77 -52.09
N ASN B 362 -4.37 -15.75 -52.81
N ASN B 362 -4.45 -15.71 -52.89
CA ASN B 362 -4.22 -15.70 -54.28
CA ASN B 362 -4.24 -15.38 -54.30
C ASN B 362 -5.49 -15.30 -55.03
C ASN B 362 -5.49 -15.43 -55.17
N LYS B 363 -6.62 -15.89 -54.61
CA LYS B 363 -7.88 -15.77 -55.34
C LYS B 363 -8.59 -14.47 -54.95
N GLY B 364 -7.85 -13.56 -54.32
CA GLY B 364 -8.36 -12.26 -53.93
C GLY B 364 -9.36 -12.27 -52.78
N GLU B 365 -9.49 -13.41 -52.11
CA GLU B 365 -10.47 -13.55 -51.04
C GLU B 365 -9.91 -13.06 -49.72
N GLN B 366 -10.76 -12.40 -48.95
CA GLN B 366 -10.38 -11.93 -47.63
C GLN B 366 -10.02 -13.10 -46.72
N THR B 367 -8.97 -12.93 -45.94
CA THR B 367 -8.57 -13.96 -45.00
C THR B 367 -7.93 -13.32 -43.78
N ILE B 368 -7.45 -14.15 -42.86
CA ILE B 368 -6.70 -13.67 -41.70
C ILE B 368 -5.23 -14.05 -41.87
N ALA B 369 -4.33 -13.08 -41.78
CA ALA B 369 -2.90 -13.37 -41.78
C ALA B 369 -2.31 -13.05 -40.43
N TYR B 370 -1.05 -13.40 -40.21
CA TYR B 370 -0.36 -13.08 -38.97
C TYR B 370 1.07 -12.68 -39.24
N GLU B 371 1.72 -12.15 -38.22
CA GLU B 371 3.13 -11.94 -38.28
C GLU B 371 3.75 -11.93 -36.90
N GLN B 372 4.96 -12.47 -36.82
CA GLN B 372 5.76 -12.37 -35.63
C GLN B 372 6.31 -10.98 -35.53
N ILE B 373 6.23 -10.40 -34.34
CA ILE B 373 6.73 -9.06 -34.13
C ILE B 373 8.12 -9.13 -33.55
N GLY B 374 9.11 -8.75 -34.35
CA GLY B 374 10.49 -8.77 -33.95
C GLY B 374 10.97 -10.14 -33.58
N SER B 375 11.90 -10.19 -32.62
CA SER B 375 12.55 -11.44 -32.25
C SER B 375 12.27 -11.75 -30.78
N PRO B 376 12.52 -12.99 -30.35
CA PRO B 376 12.30 -13.36 -28.95
C PRO B 376 13.08 -12.45 -28.02
N VAL B 377 12.45 -12.14 -26.89
CA VAL B 377 13.10 -11.42 -25.82
C VAL B 377 13.43 -12.48 -24.79
N ASN B 378 14.66 -12.49 -24.29
CA ASN B 378 15.04 -13.60 -23.41
C ASN B 378 15.67 -13.17 -22.10
N ILE B 379 15.44 -13.98 -21.08
CA ILE B 379 16.07 -13.82 -19.78
C ILE B 379 16.68 -15.14 -19.42
N GLN B 380 17.97 -15.13 -19.07
CA GLN B 380 18.63 -16.39 -18.73
C GLN B 380 19.34 -16.33 -17.41
N TYR B 381 19.14 -17.35 -16.60
CA TYR B 381 19.87 -17.43 -15.35
C TYR B 381 20.20 -18.89 -15.08
N SER B 382 20.91 -19.15 -13.99
CA SER B 382 21.40 -20.49 -13.77
C SER B 382 21.54 -20.78 -12.29
N GLU B 383 21.73 -22.05 -11.98
CA GLU B 383 21.96 -22.48 -10.62
C GLU B 383 23.07 -23.52 -10.72
N ASN B 384 24.07 -23.40 -9.85
CA ASN B 384 25.28 -24.20 -9.95
C ASN B 384 25.58 -24.89 -8.60
N THR B 385 24.88 -25.97 -8.31
CA THR B 385 25.08 -26.65 -7.02
C THR B 385 26.22 -27.68 -7.10
N GLY B 386 26.70 -27.96 -8.30
CA GLY B 386 27.80 -28.90 -8.48
C GLY B 386 29.20 -28.27 -8.43
N ASN B 387 29.26 -26.98 -8.18
CA ASN B 387 30.51 -26.22 -8.27
C ASN B 387 31.18 -26.44 -9.63
N VAL B 388 30.39 -26.30 -10.69
CA VAL B 388 30.90 -26.55 -12.03
C VAL B 388 31.69 -25.32 -12.47
N GLY B 389 32.82 -25.52 -13.14
CA GLY B 389 33.69 -24.46 -13.59
C GLY B 389 33.00 -23.53 -14.57
N LEU B 390 33.42 -22.25 -14.52
CA LEU B 390 32.88 -21.18 -15.33
C LEU B 390 32.85 -21.49 -16.83
N ASN B 391 33.92 -22.08 -17.34
CA ASN B 391 34.01 -22.33 -18.78
C ASN B 391 32.93 -23.30 -19.26
N ILE B 392 32.70 -24.34 -18.46
CA ILE B 392 31.64 -25.30 -18.77
C ILE B 392 30.28 -24.60 -18.65
N VAL B 393 30.10 -23.77 -17.62
CA VAL B 393 28.80 -23.13 -17.41
C VAL B 393 28.47 -22.23 -18.59
N VAL B 394 29.45 -21.43 -19.01
CA VAL B 394 29.24 -20.51 -20.12
C VAL B 394 28.88 -21.28 -21.41
N SER B 395 29.65 -22.31 -21.72
N SER B 395 29.65 -22.31 -21.73
CA SER B 395 29.39 -23.12 -22.90
CA SER B 395 29.37 -23.11 -22.93
C SER B 395 28.02 -23.80 -22.81
C SER B 395 28.01 -23.80 -22.82
N PHE B 396 27.70 -24.31 -21.63
CA PHE B 396 26.40 -24.93 -21.39
C PHE B 396 25.26 -23.93 -21.64
N LEU B 397 25.36 -22.73 -21.08
CA LEU B 397 24.30 -21.72 -21.21
C LEU B 397 24.13 -21.21 -22.64
N SER B 398 25.21 -21.23 -23.41
CA SER B 398 25.16 -20.95 -24.85
C SER B 398 24.28 -21.94 -25.61
N ALA B 399 24.47 -23.22 -25.31
CA ALA B 399 23.70 -24.27 -25.96
C ALA B 399 22.21 -24.18 -25.61
N THR B 400 21.90 -23.94 -24.34
CA THR B 400 20.51 -23.89 -23.89
C THR B 400 19.84 -22.59 -24.40
N LEU B 401 20.63 -21.52 -24.47
CA LEU B 401 20.13 -20.27 -25.04
C LEU B 401 19.71 -20.48 -26.50
N SER B 402 20.61 -21.06 -27.28
CA SER B 402 20.36 -21.36 -28.70
C SER B 402 19.10 -22.22 -28.86
N PHE B 403 18.90 -23.21 -27.99
CA PHE B 403 17.69 -24.02 -28.05
C PHE B 403 16.40 -23.18 -27.83
N ALA B 404 16.42 -22.32 -26.81
CA ALA B 404 15.26 -21.49 -26.49
C ALA B 404 14.94 -20.54 -27.64
N LEU B 405 15.97 -19.96 -28.23
CA LEU B 405 15.80 -18.99 -29.30
C LEU B 405 15.28 -19.65 -30.58
N THR B 406 15.46 -20.97 -30.69
CA THR B 406 14.94 -21.71 -31.85
C THR B 406 13.57 -22.31 -31.55
N PHE B 407 13.46 -23.01 -30.42
CA PHE B 407 12.21 -23.67 -30.05
C PHE B 407 10.99 -22.73 -29.84
N VAL B 408 11.17 -21.68 -29.05
CA VAL B 408 10.02 -20.88 -28.64
C VAL B 408 9.32 -20.12 -29.81
N PRO B 409 10.08 -19.49 -30.74
CA PRO B 409 9.40 -18.95 -31.94
C PRO B 409 8.69 -20.00 -32.75
N GLY B 410 9.23 -21.22 -32.78
CA GLY B 410 8.58 -22.30 -33.53
C GLY B 410 7.25 -22.63 -32.85
N PHE B 411 7.28 -22.57 -31.52
CA PHE B 411 6.10 -22.81 -30.69
C PHE B 411 5.07 -21.72 -30.95
N GLY B 412 5.51 -20.47 -30.91
CA GLY B 412 4.61 -19.35 -31.16
C GLY B 412 3.98 -19.40 -32.54
N THR B 413 4.78 -19.80 -33.53
CA THR B 413 4.29 -19.91 -34.91
C THR B 413 3.17 -20.94 -35.03
N PHE B 414 3.36 -22.07 -34.36
CA PHE B 414 2.36 -23.12 -34.27
C PHE B 414 1.05 -22.54 -33.69
N LEU B 415 1.17 -21.75 -32.63
CA LEU B 415 -0.01 -21.21 -31.94
C LEU B 415 -0.75 -20.18 -32.79
N ALA B 416 0.01 -19.23 -33.31
CA ALA B 416 -0.52 -18.22 -34.21
C ALA B 416 -1.28 -18.86 -35.40
N VAL B 417 -0.64 -19.82 -36.06
CA VAL B 417 -1.26 -20.43 -37.24
C VAL B 417 -2.41 -21.33 -36.79
N GLY B 418 -2.29 -21.88 -35.58
CA GLY B 418 -3.33 -22.74 -35.05
C GLY B 418 -4.60 -21.94 -34.83
N LEU B 419 -4.43 -20.70 -34.41
CA LEU B 419 -5.54 -19.85 -34.04
C LEU B 419 -6.27 -19.36 -35.29
N ILE B 420 -5.49 -18.99 -36.31
CA ILE B 420 -6.05 -18.68 -37.64
C ILE B 420 -6.80 -19.89 -38.15
N GLY B 421 -6.20 -21.06 -37.96
CA GLY B 421 -6.83 -22.32 -38.32
C GLY B 421 -8.23 -22.42 -37.74
N GLY B 422 -8.34 -22.28 -36.43
CA GLY B 422 -9.63 -22.38 -35.76
C GLY B 422 -10.65 -21.36 -36.22
N CYS B 423 -10.19 -20.12 -36.42
CA CYS B 423 -11.08 -19.05 -36.85
C CYS B 423 -11.58 -19.31 -38.25
N LEU B 424 -10.70 -19.79 -39.13
CA LEU B 424 -11.04 -19.92 -40.54
C LEU B 424 -11.79 -21.20 -40.88
N ILE B 425 -11.61 -22.25 -40.09
CA ILE B 425 -12.23 -23.53 -40.47
C ILE B 425 -13.21 -24.05 -39.43
N GLY B 426 -13.14 -23.52 -38.21
CA GLY B 426 -14.16 -23.77 -37.21
C GLY B 426 -14.27 -25.19 -36.69
N SER B 427 -13.26 -26.00 -36.97
CA SER B 427 -13.26 -27.37 -36.49
C SER B 427 -11.92 -27.68 -35.83
N VAL B 428 -11.97 -27.98 -34.53
CA VAL B 428 -10.76 -28.27 -33.76
C VAL B 428 -9.98 -29.45 -34.34
N ALA B 429 -10.70 -30.47 -34.78
CA ALA B 429 -10.10 -31.70 -35.28
C ALA B 429 -9.22 -31.47 -36.50
N LEU B 430 -9.53 -30.45 -37.28
CA LEU B 430 -8.83 -30.20 -38.54
C LEU B 430 -7.67 -29.22 -38.42
N ILE B 431 -7.49 -28.62 -37.25
CA ILE B 431 -6.46 -27.60 -37.08
C ILE B 431 -5.02 -28.14 -37.29
N PRO B 432 -4.66 -29.29 -36.70
CA PRO B 432 -3.28 -29.76 -36.90
C PRO B 432 -2.92 -29.88 -38.37
N THR B 433 -3.84 -30.44 -39.15
CA THR B 433 -3.63 -30.58 -40.58
C THR B 433 -3.50 -29.21 -41.23
N PHE B 434 -4.30 -28.24 -40.77
CA PHE B 434 -4.22 -26.87 -41.25
C PHE B 434 -2.84 -26.25 -40.99
N ILE B 435 -2.33 -26.43 -39.77
CA ILE B 435 -1.02 -25.91 -39.39
C ILE B 435 0.07 -26.50 -40.27
N GLU B 436 0.10 -27.83 -40.34
CA GLU B 436 1.10 -28.56 -41.09
C GLU B 436 1.21 -28.07 -42.54
N SER B 437 0.07 -27.76 -43.15
CA SER B 437 0.05 -27.39 -44.56
C SER B 437 -0.27 -25.91 -44.80
N TYR B 438 -0.10 -25.07 -43.78
CA TYR B 438 -0.48 -23.66 -43.91
C TYR B 438 0.36 -22.95 -44.96
N ASN B 439 -0.25 -22.00 -45.65
CA ASN B 439 0.40 -21.16 -46.65
C ASN B 439 -0.46 -19.94 -46.90
N SER B 440 0.08 -18.76 -46.59
CA SER B 440 -0.70 -17.52 -46.63
C SER B 440 -1.26 -17.20 -48.01
N ASP B 441 -0.61 -17.69 -49.05
CA ASP B 441 -1.12 -17.47 -50.40
C ASP B 441 -2.41 -18.26 -50.63
N THR B 442 -2.58 -19.33 -49.87
CA THR B 442 -3.60 -20.33 -50.16
C THR B 442 -4.63 -20.48 -49.04
N ALA B 443 -4.44 -19.71 -47.96
CA ALA B 443 -5.33 -19.74 -46.80
C ALA B 443 -6.79 -19.51 -47.19
N PRO B 444 -7.71 -20.29 -46.61
CA PRO B 444 -9.12 -20.23 -46.99
C PRO B 444 -9.72 -18.86 -46.75
N SER B 445 -10.80 -18.55 -47.44
CA SER B 445 -11.53 -17.31 -47.21
C SER B 445 -12.19 -17.32 -45.85
N ILE B 446 -12.32 -16.13 -45.26
CA ILE B 446 -12.96 -15.95 -43.95
C ILE B 446 -14.50 -15.98 -44.05
N ASP B 447 -15.02 -15.95 -45.27
CA ASP B 447 -16.47 -15.83 -45.50
C ASP B 447 -17.31 -16.87 -44.74
N LEU B 448 -16.93 -18.13 -44.83
CA LEU B 448 -17.67 -19.17 -44.12
C LEU B 448 -17.68 -18.91 -42.61
N SER B 449 -16.55 -18.47 -42.05
CA SER B 449 -16.51 -18.22 -40.62
C SER B 449 -17.36 -17.00 -40.25
N LEU B 450 -17.45 -16.03 -41.15
CA LEU B 450 -18.33 -14.88 -40.98
C LEU B 450 -19.80 -15.32 -40.94
N GLU B 451 -20.17 -16.25 -41.80
CA GLU B 451 -21.55 -16.74 -41.84
C GLU B 451 -21.95 -17.35 -40.51
N ASN B 452 -20.98 -17.99 -39.88
CA ASN B 452 -21.21 -18.67 -38.65
C ASN B 452 -20.91 -17.86 -37.41
N SER B 453 -20.54 -16.61 -37.60
CA SER B 453 -20.29 -15.76 -36.46
C SER B 453 -21.09 -14.48 -36.47
N VAL B 454 -20.56 -13.48 -37.12
CA VAL B 454 -21.17 -12.20 -37.22
C VAL B 454 -22.52 -12.18 -37.94
N SER B 455 -22.62 -12.96 -38.99
CA SER B 455 -23.83 -12.96 -39.79
C SER B 455 -24.94 -13.79 -39.15
N GLU B 456 -24.63 -14.40 -37.99
CA GLU B 456 -25.66 -14.96 -37.12
C GLU B 456 -26.54 -13.83 -36.55
N ILE B 457 -26.06 -12.60 -36.66
CA ILE B 457 -26.83 -11.41 -36.28
C ILE B 457 -27.08 -10.53 -37.51
N THR B 458 -28.34 -10.17 -37.74
CA THR B 458 -28.70 -9.34 -38.89
C THR B 458 -29.34 -8.03 -38.45
N TRP B 459 -28.71 -6.92 -38.79
CA TRP B 459 -29.19 -5.60 -38.39
C TRP B 459 -30.16 -5.02 -39.41
N ASN B 460 -31.12 -4.24 -38.94
CA ASN B 460 -32.05 -3.56 -39.81
C ASN B 460 -32.71 -4.46 -40.82
N SER B 461 -33.09 -5.64 -40.39
CA SER B 461 -33.76 -6.57 -41.28
C SER B 461 -32.89 -7.25 -42.31
N SER B 462 -32.20 -6.49 -43.13
CA SER B 462 -31.39 -7.08 -44.19
C SER B 462 -29.96 -6.56 -44.41
N ASP B 463 -29.37 -5.88 -43.44
CA ASP B 463 -28.02 -5.34 -43.57
C ASP B 463 -27.03 -6.46 -43.81
N VAL B 464 -26.00 -6.17 -44.59
CA VAL B 464 -24.89 -7.07 -44.78
C VAL B 464 -23.63 -6.41 -44.21
N PHE B 465 -22.87 -7.17 -43.43
CA PHE B 465 -21.63 -6.71 -42.81
C PHE B 465 -20.49 -6.78 -43.81
N ASN B 466 -20.00 -5.62 -44.24
CA ASN B 466 -18.81 -5.55 -45.09
C ASN B 466 -17.54 -5.41 -44.26
N LEU B 467 -16.86 -6.54 -44.04
CA LEU B 467 -15.62 -6.57 -43.29
C LEU B 467 -14.53 -5.70 -43.91
N ASP B 468 -13.90 -4.84 -43.11
CA ASP B 468 -12.74 -4.09 -43.62
C ASP B 468 -11.54 -4.06 -42.65
N TYR B 469 -11.59 -4.88 -41.60
CA TYR B 469 -10.58 -4.83 -40.54
C TYR B 469 -10.60 -6.09 -39.66
N VAL B 470 -9.41 -6.62 -39.37
CA VAL B 470 -9.26 -7.70 -38.39
C VAL B 470 -8.03 -7.45 -37.51
N ALA B 471 -8.20 -7.62 -36.21
CA ALA B 471 -7.10 -7.54 -35.28
C ALA B 471 -7.36 -8.32 -33.98
N LEU B 472 -6.31 -8.58 -33.24
CA LEU B 472 -6.46 -9.13 -31.93
C LEU B 472 -6.37 -7.87 -31.07
N ALA B 473 -7.28 -7.68 -30.15
CA ALA B 473 -7.22 -6.56 -29.24
C ALA B 473 -7.81 -7.06 -27.94
N GLY B 474 -7.24 -8.14 -27.47
CA GLY B 474 -7.70 -8.88 -26.36
C GLY B 474 -8.51 -9.91 -27.07
N PRO B 475 -9.86 -9.63 -27.18
CA PRO B 475 -10.61 -10.60 -27.98
C PRO B 475 -10.37 -10.37 -29.47
N LEU B 476 -10.65 -11.34 -30.32
CA LEU B 476 -10.57 -11.12 -31.76
C LEU B 476 -11.58 -10.03 -32.11
N GLN B 477 -11.12 -9.04 -32.87
CA GLN B 477 -11.92 -7.86 -33.15
C GLN B 477 -12.06 -7.66 -34.64
N LEU B 478 -13.29 -7.56 -35.09
CA LEU B 478 -13.61 -7.45 -36.50
C LEU B 478 -14.17 -6.04 -36.75
N GLY B 479 -13.72 -5.38 -37.80
CA GLY B 479 -14.21 -4.06 -38.12
C GLY B 479 -14.93 -4.08 -39.46
N GLY B 480 -16.03 -3.34 -39.58
CA GLY B 480 -16.76 -3.40 -40.83
C GLY B 480 -17.90 -2.41 -41.00
N THR B 481 -18.45 -2.37 -42.21
CA THR B 481 -19.54 -1.46 -42.54
C THR B 481 -20.83 -2.19 -42.86
N LEU B 482 -21.92 -1.79 -42.20
CA LEU B 482 -23.23 -2.35 -42.51
C LEU B 482 -23.73 -1.86 -43.86
N GLN B 483 -23.96 -2.78 -44.79
CA GLN B 483 -24.53 -2.40 -46.08
C GLN B 483 -26.05 -2.53 -46.04
N VAL B 484 -26.73 -1.41 -46.17
CA VAL B 484 -28.18 -1.41 -46.16
C VAL B 484 -28.63 -1.78 -47.56
N GLN B 485 -29.48 -2.78 -47.72
CA GLN B 485 -29.91 -3.16 -49.05
C GLN B 485 -30.55 -1.93 -49.66
N ASN B 486 -30.05 -1.53 -50.81
CA ASN B 486 -30.57 -0.35 -51.43
C ASN B 486 -31.92 -0.74 -51.90
N SER B 487 -32.90 -0.04 -51.40
CA SER B 487 -34.26 -0.38 -51.82
C SER B 487 -35.29 0.61 -51.29
N GLN C 5 -9.99 17.21 29.47
CA GLN C 5 -8.54 17.08 29.61
C GLN C 5 -8.16 16.82 31.06
N ALA C 6 -8.98 16.05 31.78
CA ALA C 6 -8.78 15.85 33.21
C ALA C 6 -9.17 14.45 33.68
N PHE C 7 -8.54 14.02 34.77
CA PHE C 7 -8.86 12.75 35.40
C PHE C 7 -9.00 12.91 36.90
N VAL C 8 -9.91 12.14 37.49
CA VAL C 8 -10.09 12.14 38.93
C VAL C 8 -9.19 11.08 39.56
N PHE C 9 -8.54 11.43 40.66
CA PHE C 9 -7.74 10.47 41.40
C PHE C 9 -8.30 10.29 42.81
N GLU C 10 -8.18 9.08 43.34
CA GLU C 10 -8.54 8.82 44.73
C GLU C 10 -7.45 7.99 45.39
N PHE C 11 -6.86 8.53 46.45
CA PHE C 11 -5.81 7.84 47.18
C PHE C 11 -6.21 7.65 48.64
N ASP C 12 -6.27 6.40 49.07
CA ASP C 12 -6.67 6.10 50.42
C ASP C 12 -5.65 5.20 51.11
N GLU C 13 -5.15 5.65 52.25
CA GLU C 13 -4.25 4.85 53.07
C GLU C 13 -4.51 5.09 54.54
N ASN C 14 -3.93 4.23 55.37
CA ASN C 14 -4.18 4.23 56.82
C ASN C 14 -3.77 5.54 57.51
N LEU C 15 -2.63 6.07 57.10
CA LEU C 15 -2.06 7.25 57.75
C LEU C 15 -2.04 8.46 56.81
N SER C 16 -2.60 8.29 55.61
CA SER C 16 -2.52 9.30 54.57
C SER C 16 -3.68 9.18 53.59
N SER C 17 -4.22 10.31 53.16
CA SER C 17 -5.37 10.31 52.26
C SER C 17 -5.32 11.44 51.24
N SER C 18 -6.08 11.30 50.16
CA SER C 18 -6.03 12.25 49.08
C SER C 18 -7.15 12.05 48.07
N SER C 19 -7.73 13.15 47.59
CA SER C 19 -8.72 13.09 46.53
C SER C 19 -8.60 14.34 45.67
N GLY C 20 -9.10 14.28 44.44
CA GLY C 20 -9.09 15.43 43.57
C GLY C 20 -9.07 15.10 42.09
N SER C 21 -8.49 16.00 41.31
CA SER C 21 -8.38 15.78 39.87
C SER C 21 -7.01 16.21 39.35
N ILE C 22 -6.55 15.54 38.30
CA ILE C 22 -5.26 15.85 37.72
C ILE C 22 -5.32 15.98 36.20
N HIS C 23 -4.34 16.68 35.66
CA HIS C 23 -4.18 16.80 34.22
C HIS C 23 -2.81 16.25 33.84
N LEU C 24 -2.80 15.20 33.02
CA LEU C 24 -1.56 14.56 32.59
C LEU C 24 -1.20 14.95 31.17
N GLU C 25 0.08 14.88 30.85
CA GLU C 25 0.55 15.13 29.51
C GLU C 25 1.94 14.53 29.29
N LYS C 26 2.17 14.04 28.08
CA LYS C 26 3.42 13.41 27.73
C LYS C 26 4.51 14.47 27.65
N VAL C 27 5.67 14.16 28.21
CA VAL C 27 6.82 15.05 28.15
C VAL C 27 7.81 14.55 27.12
N LYS C 28 8.13 15.37 26.13
CA LYS C 28 9.08 14.95 25.14
C LYS C 28 10.45 14.94 25.75
N GLN C 29 11.20 13.88 25.50
CA GLN C 29 12.55 13.78 26.02
C GLN C 29 13.39 12.91 25.13
N ASN C 30 14.67 13.18 25.11
CA ASN C 30 15.60 12.42 24.31
C ASN C 30 16.70 11.74 25.12
N CYS C 31 16.42 11.38 26.36
CA CYS C 31 17.44 10.75 27.17
C CYS C 31 17.15 9.32 27.58
N SER C 32 15.92 8.89 27.45
CA SER C 32 15.48 7.53 27.84
C SER C 32 14.50 6.96 26.81
N PRO C 33 15.03 6.45 25.68
CA PRO C 33 14.15 6.10 24.56
C PRO C 33 13.22 4.91 24.81
N ASN C 34 13.42 4.16 25.88
CA ASN C 34 12.50 3.05 26.14
C ASN C 34 11.44 3.41 27.20
N TYR C 35 11.42 4.67 27.60
CA TYR C 35 10.48 5.13 28.63
C TYR C 35 9.68 6.32 28.11
N ASP C 36 8.44 6.44 28.60
CA ASP C 36 7.62 7.63 28.39
C ASP C 36 7.63 8.42 29.68
N TYR C 37 7.87 9.74 29.57
CA TYR C 37 7.74 10.67 30.69
C TYR C 37 6.35 11.32 30.69
N PHE C 38 5.77 11.50 31.88
CA PHE C 38 4.51 12.23 32.00
C PHE C 38 4.59 13.34 33.02
N LYS C 39 4.04 14.49 32.64
CA LYS C 39 3.89 15.61 33.54
C LYS C 39 2.47 15.55 34.11
N ILE C 40 2.35 15.43 35.42
CA ILE C 40 1.04 15.44 36.04
C ILE C 40 0.83 16.76 36.76
N THR C 41 -0.26 17.45 36.44
CA THR C 41 -0.59 18.70 37.10
C THR C 41 -1.88 18.55 37.89
N PHE C 42 -1.83 18.87 39.18
CA PHE C 42 -3.00 18.75 40.04
C PHE C 42 -3.93 19.95 39.89
N ILE C 43 -5.08 19.71 39.28
CA ILE C 43 -6.11 20.73 39.11
C ILE C 43 -6.77 21.05 40.44
N ASP C 44 -7.22 20.00 41.12
CA ASP C 44 -7.95 20.14 42.39
C ASP C 44 -7.61 19.02 43.37
N GLY C 45 -7.68 19.33 44.68
CA GLY C 45 -7.53 18.31 45.69
C GLY C 45 -6.82 18.66 46.98
N TYR C 46 -6.90 17.77 47.96
CA TYR C 46 -6.23 17.92 49.25
C TYR C 46 -5.49 16.66 49.67
N LEU C 47 -4.39 16.83 50.39
CA LEU C 47 -3.64 15.70 50.92
C LEU C 47 -3.73 15.67 52.43
N TYR C 48 -4.36 14.63 52.97
CA TYR C 48 -4.57 14.51 54.40
C TYR C 48 -3.54 13.60 55.04
N ILE C 49 -2.80 14.13 56.01
CA ILE C 49 -1.97 13.29 56.86
C ILE C 49 -2.71 13.04 58.15
N LYS C 50 -2.97 11.78 58.46
CA LYS C 50 -3.74 11.45 59.66
C LYS C 50 -3.09 10.38 60.53
N ASN C 51 -3.51 10.34 61.78
CA ASN C 51 -3.12 9.29 62.71
C ASN C 51 -4.09 8.12 62.63
N LYS C 52 -4.03 7.23 63.61
CA LYS C 52 -5.02 6.17 63.72
C LYS C 52 -6.33 6.74 64.26
N SER C 53 -6.25 7.95 64.81
CA SER C 53 -7.44 8.65 65.27
C SER C 53 -8.25 9.15 64.08
N GLY C 54 -7.64 9.07 62.90
CA GLY C 54 -8.33 9.38 61.65
C GLY C 54 -8.66 10.84 61.45
N VAL C 55 -8.26 11.68 62.40
CA VAL C 55 -8.53 13.11 62.32
C VAL C 55 -7.52 13.78 61.40
N ILE C 56 -7.62 15.09 61.26
CA ILE C 56 -6.73 15.83 60.39
C ILE C 56 -5.56 16.40 61.17
N LEU C 57 -4.43 15.71 61.08
CA LEU C 57 -3.19 16.23 61.65
C LEU C 57 -2.68 17.37 60.79
N ASP C 58 -2.71 17.16 59.47
CA ASP C 58 -2.34 18.21 58.52
C ASP C 58 -3.12 18.09 57.22
N LYS C 59 -3.39 19.23 56.59
CA LYS C 59 -4.14 19.28 55.35
C LYS C 59 -3.45 20.18 54.33
N TYR C 60 -2.95 19.59 53.25
CA TYR C 60 -2.26 20.34 52.21
C TYR C 60 -3.10 20.46 50.95
N ASP C 61 -3.20 21.67 50.41
CA ASP C 61 -3.86 21.89 49.14
C ASP C 61 -2.94 21.44 48.00
N LEU C 62 -3.42 20.54 47.15
CA LEU C 62 -2.62 20.01 46.05
C LEU C 62 -2.66 20.90 44.83
N LYS C 63 -3.42 21.98 44.91
CA LYS C 63 -3.63 22.90 43.78
C LYS C 63 -2.31 23.32 43.14
N ASN C 64 -2.19 23.06 41.84
CA ASN C 64 -1.07 23.48 41.01
C ASN C 64 0.26 22.77 41.26
N VAL C 65 0.29 21.80 42.17
CA VAL C 65 1.49 20.98 42.32
C VAL C 65 1.75 20.26 40.99
N ILE C 66 3.01 20.25 40.57
CA ILE C 66 3.38 19.57 39.34
C ILE C 66 4.36 18.43 39.60
N SER C 67 3.98 17.24 39.14
CA SER C 67 4.78 16.03 39.32
C SER C 67 5.27 15.46 37.99
N LEU C 68 6.39 14.73 38.03
CA LEU C 68 6.95 14.13 36.84
C LEU C 68 7.27 12.66 37.09
N VAL C 69 6.82 11.80 36.19
CA VAL C 69 6.99 10.36 36.34
C VAL C 69 7.38 9.74 35.01
N ALA C 70 7.86 8.50 35.05
CA ALA C 70 8.23 7.80 33.83
C ALA C 70 7.90 6.33 33.97
N LEU C 71 7.63 5.67 32.85
CA LEU C 71 7.44 4.23 32.86
C LEU C 71 7.81 3.62 31.52
N LYS C 72 8.12 2.33 31.56
CA LYS C 72 8.55 1.55 30.41
C LYS C 72 7.48 1.56 29.32
N ARG C 73 7.89 1.86 28.10
CA ARG C 73 6.96 2.02 27.00
C ARG C 73 6.19 0.74 26.68
N ASP C 74 6.53 -0.37 27.34
CA ASP C 74 5.77 -1.62 27.17
C ASP C 74 4.28 -1.45 27.48
N TYR C 75 3.95 -0.50 28.35
CA TYR C 75 2.54 -0.24 28.72
C TYR C 75 1.68 0.04 27.50
N LEU C 76 2.32 0.37 26.38
CA LEU C 76 1.63 0.69 25.14
C LEU C 76 0.96 -0.51 24.52
N SER C 77 1.33 -1.71 24.98
CA SER C 77 0.72 -2.95 24.53
C SER C 77 -0.70 -3.12 25.07
N LEU C 78 -0.99 -2.42 26.15
CA LEU C 78 -2.26 -2.55 26.86
C LEU C 78 -3.47 -2.31 25.96
N SER C 79 -4.48 -3.18 26.08
CA SER C 79 -5.72 -3.00 25.34
C SER C 79 -6.78 -2.38 26.23
N LEU C 80 -7.11 -1.12 25.97
CA LEU C 80 -8.10 -0.43 26.82
C LEU C 80 -9.54 -0.93 26.83
N SER C 81 -10.14 -1.08 25.65
CA SER C 81 -11.56 -1.54 25.58
C SER C 81 -12.34 -0.86 26.62
N ASN C 82 -12.46 0.49 26.54
CA ASN C 82 -13.06 1.33 27.59
C ASN C 82 -14.25 0.51 27.95
N ASN C 83 -14.28 0.18 29.23
CA ASN C 83 -15.40 -0.38 29.92
C ASN C 83 -14.99 -0.17 31.34
N LYS C 84 -15.84 0.42 32.15
CA LYS C 84 -17.16 0.87 31.72
C LYS C 84 -17.20 2.28 31.08
N GLN C 85 -16.07 2.68 30.49
CA GLN C 85 -15.92 3.94 29.73
C GLN C 85 -15.77 5.18 30.61
N ILE C 86 -15.64 4.99 31.91
CA ILE C 86 -15.28 6.08 32.80
C ILE C 86 -14.00 5.67 33.53
N LYS C 87 -12.95 6.46 33.41
CA LYS C 87 -11.67 6.08 33.97
C LYS C 87 -11.13 7.08 34.99
N LYS C 88 -10.84 6.57 36.19
CA LYS C 88 -10.24 7.37 37.24
C LYS C 88 -8.90 6.77 37.66
N PHE C 89 -8.10 7.54 38.39
CA PHE C 89 -6.84 7.02 38.94
C PHE C 89 -7.03 6.69 40.42
N LYS C 90 -7.53 5.49 40.69
CA LYS C 90 -7.87 5.07 42.05
C LYS C 90 -7.00 3.94 42.55
N ASN C 91 -6.41 4.14 43.73
CA ASN C 91 -5.67 3.09 44.39
C ASN C 91 -6.63 2.12 45.09
N ILE C 92 -6.18 0.89 45.27
CA ILE C 92 -6.98 -0.11 46.00
C ILE C 92 -6.51 -0.15 47.45
N LYS C 93 -7.31 0.44 48.35
CA LYS C 93 -6.90 0.73 49.73
C LYS C 93 -6.25 -0.45 50.47
N ASN C 94 -5.03 -0.22 50.94
CA ASN C 94 -4.25 -1.22 51.66
C ASN C 94 -4.05 -2.52 50.89
N LYS C 95 -3.56 -2.40 49.65
CA LYS C 95 -3.26 -3.56 48.82
C LYS C 95 -2.21 -3.20 47.78
N HIS C 96 -0.94 -3.35 48.14
CA HIS C 96 0.18 -2.98 47.26
C HIS C 96 0.21 -3.85 46.00
N LEU C 97 0.01 -3.21 44.85
CA LEU C 97 -0.06 -3.91 43.57
C LEU C 97 1.32 -3.98 42.91
N LYS C 98 1.43 -4.75 41.83
CA LYS C 98 2.69 -4.92 41.13
C LYS C 98 3.05 -3.69 40.28
N ASN C 99 4.34 -3.54 40.01
CA ASN C 99 4.81 -2.50 39.10
C ASN C 99 5.27 -3.15 37.80
N LYS C 100 4.33 -3.31 36.87
CA LYS C 100 4.58 -4.04 35.65
C LYS C 100 5.58 -3.34 34.72
N PHE C 101 5.64 -2.02 34.81
CA PHE C 101 6.37 -1.25 33.82
C PHE C 101 7.48 -0.39 34.39
N ASN C 102 8.03 -0.83 35.52
CA ASN C 102 9.06 -0.08 36.23
C ASN C 102 8.70 1.40 36.32
N LEU C 103 7.45 1.69 36.68
CA LEU C 103 7.02 3.08 36.86
C LEU C 103 7.77 3.69 38.02
N TYR C 104 8.18 4.94 37.87
CA TYR C 104 8.85 5.59 38.97
C TYR C 104 8.68 7.11 38.93
N VAL C 105 8.84 7.73 40.10
CA VAL C 105 8.66 9.16 40.23
C VAL C 105 9.99 9.86 40.06
N ILE C 106 10.03 10.81 39.13
CA ILE C 106 11.23 11.60 38.92
C ILE C 106 11.24 12.79 39.90
N ASN C 107 10.11 13.48 40.01
CA ASN C 107 9.96 14.59 40.96
C ASN C 107 8.50 14.64 41.41
N GLU C 108 8.28 14.51 42.69
CA GLU C 108 6.95 14.57 43.27
C GLU C 108 6.30 15.93 43.24
N ASP C 109 7.10 16.96 43.47
CA ASP C 109 6.63 18.34 43.52
C ASP C 109 7.71 19.23 42.95
N ILE C 110 7.64 19.56 41.67
CA ILE C 110 8.67 20.35 41.04
C ILE C 110 8.96 21.72 41.62
N GLU C 111 7.94 22.48 41.93
CA GLU C 111 8.16 23.79 42.51
C GLU C 111 8.25 23.73 44.02
N LYS C 112 8.10 22.52 44.56
CA LYS C 112 8.11 22.30 46.01
C LYS C 112 7.03 23.11 46.73
N ARG C 113 5.83 23.14 46.15
CA ARG C 113 4.69 23.78 46.80
C ARG C 113 4.38 23.15 48.15
N ILE C 114 4.54 21.83 48.23
CA ILE C 114 4.29 21.08 49.46
C ILE C 114 5.59 20.56 50.09
N THR C 115 6.45 19.97 49.26
CA THR C 115 7.67 19.34 49.75
C THR C 115 8.64 20.30 50.44
N LYS C 116 8.39 21.60 50.33
CA LYS C 116 9.20 22.58 51.05
C LYS C 116 9.08 22.36 52.56
N ASN C 117 7.98 21.71 52.96
CA ASN C 117 7.71 21.47 54.37
C ASN C 117 8.53 20.33 54.98
N GLY C 118 9.35 19.67 54.15
CA GLY C 118 10.26 18.66 54.67
C GLY C 118 10.24 17.31 53.97
N ILE C 119 10.95 16.35 54.55
CA ILE C 119 11.11 15.02 53.97
C ILE C 119 9.81 14.22 54.02
N LEU C 120 9.06 14.39 55.11
CA LEU C 120 7.82 13.63 55.30
C LEU C 120 6.87 13.86 54.13
N GLU C 121 6.79 15.11 53.67
CA GLU C 121 5.92 15.46 52.55
C GLU C 121 6.35 14.81 51.24
N GLU C 122 7.66 14.75 51.00
CA GLU C 122 8.21 14.07 49.82
C GLU C 122 7.79 12.61 49.83
N VAL C 123 7.97 11.98 50.98
CA VAL C 123 7.70 10.56 51.18
C VAL C 123 6.23 10.23 50.89
N ILE C 124 5.35 11.03 51.48
CA ILE C 124 3.91 10.83 51.32
C ILE C 124 3.46 11.07 49.88
N LEU C 125 3.94 12.15 49.28
CA LEU C 125 3.61 12.50 47.90
C LEU C 125 4.09 11.44 46.92
N ASN C 126 5.32 10.98 47.12
CA ASN C 126 5.90 9.94 46.28
C ASN C 126 5.08 8.66 46.36
N LYS C 127 4.73 8.26 47.58
CA LYS C 127 3.88 7.09 47.79
C LYS C 127 2.50 7.26 47.14
N MET C 128 1.93 8.45 47.29
CA MET C 128 0.64 8.75 46.69
C MET C 128 0.64 8.63 45.16
N LEU C 129 1.66 9.19 44.52
CA LEU C 129 1.72 9.17 43.06
C LEU C 129 1.78 7.73 42.54
N LEU C 130 2.68 6.92 43.10
CA LEU C 130 2.77 5.52 42.71
C LEU C 130 1.45 4.78 42.92
N SER C 131 0.71 5.16 43.96
CA SER C 131 -0.51 4.46 44.31
C SER C 131 -1.64 4.71 43.33
N ILE C 132 -1.76 5.95 42.86
CA ILE C 132 -2.86 6.29 41.95
C ILE C 132 -2.54 5.84 40.53
N LEU C 133 -1.25 5.68 40.23
CA LEU C 133 -0.81 5.37 38.88
C LEU C 133 -0.79 3.87 38.62
N LEU C 134 -0.14 3.13 39.50
CA LEU C 134 -0.01 1.67 39.35
C LEU C 134 -1.36 0.98 39.18
N GLY C 135 -1.44 0.09 38.19
CA GLY C 135 -2.68 -0.60 37.90
C GLY C 135 -3.51 0.16 36.87
N ASN C 136 -3.35 1.47 36.87
CA ASN C 136 -4.12 2.34 36.00
C ASN C 136 -3.33 2.90 34.82
N GLU C 137 -2.25 2.21 34.44
CA GLU C 137 -1.38 2.70 33.36
C GLU C 137 -2.09 2.63 32.01
N GLU C 138 -3.20 1.90 31.95
CA GLU C 138 -3.97 1.83 30.73
C GLU C 138 -4.60 3.19 30.41
N ASN C 139 -4.84 3.98 31.45
CA ASN C 139 -5.40 5.32 31.26
C ASN C 139 -4.46 6.20 30.46
N LEU C 140 -3.16 5.99 30.64
CA LEU C 140 -2.13 6.80 29.99
C LEU C 140 -2.14 6.69 28.47
N LEU C 141 -2.68 5.59 27.95
CA LEU C 141 -2.70 5.31 26.52
C LEU C 141 -3.40 6.37 25.68
N GLN C 142 -4.22 7.20 26.32
CA GLN C 142 -4.97 8.22 25.60
C GLN C 142 -4.42 9.62 25.85
N ILE C 143 -3.28 9.69 26.55
CA ILE C 143 -2.65 10.96 26.86
C ILE C 143 -1.59 11.34 25.83
N SER C 144 -1.83 12.41 25.08
CA SER C 144 -0.88 12.85 24.06
C SER C 144 0.38 13.48 24.70
N MET D 1 25.29 -11.92 13.09
CA MET D 1 23.99 -11.31 13.12
C MET D 1 24.16 -9.84 12.84
N GLN D 2 23.44 -9.31 11.87
CA GLN D 2 23.58 -7.92 11.53
C GLN D 2 23.18 -6.96 12.64
N THR D 3 24.01 -5.98 12.88
CA THR D 3 23.74 -5.01 13.89
C THR D 3 23.72 -3.62 13.26
N THR D 4 23.66 -2.59 14.09
CA THR D 4 23.64 -1.23 13.64
C THR D 4 24.19 -0.24 14.67
N THR D 5 24.66 0.90 14.21
CA THR D 5 25.15 1.97 15.08
C THR D 5 24.03 2.95 15.42
N LEU D 6 22.85 2.71 14.85
CA LEU D 6 21.70 3.58 15.07
C LEU D 6 22.08 5.05 14.85
N ASN D 7 22.73 5.32 13.71
CA ASN D 7 23.06 6.67 13.25
C ASN D 7 24.24 7.32 13.97
N TRP D 8 24.90 6.60 14.86
CA TRP D 8 26.17 7.05 15.40
C TRP D 8 27.30 6.64 14.45
N ASP D 9 28.44 7.31 14.54
CA ASP D 9 29.58 6.97 13.72
C ASP D 9 30.32 5.75 14.27
N THR D 10 30.55 5.76 15.58
N THR D 10 30.64 5.78 15.56
CA THR D 10 31.29 4.69 16.25
CA THR D 10 31.22 4.60 16.21
C THR D 10 30.63 4.33 17.59
C THR D 10 30.55 4.30 17.53
N VAL D 11 30.65 3.05 17.95
CA VAL D 11 29.95 2.55 19.14
C VAL D 11 30.85 1.56 19.88
N TYR D 12 31.05 1.80 21.17
CA TYR D 12 31.94 0.99 21.97
C TYR D 12 31.13 0.42 23.13
N ALA D 13 30.84 -0.87 23.09
CA ALA D 13 29.93 -1.49 24.08
C ALA D 13 30.62 -2.53 24.96
N VAL D 14 30.38 -2.41 26.27
CA VAL D 14 31.03 -3.24 27.28
C VAL D 14 29.98 -3.75 28.29
N PRO D 15 30.03 -5.03 28.66
CA PRO D 15 29.02 -5.53 29.61
C PRO D 15 29.08 -4.81 30.95
N ILE D 16 27.92 -4.61 31.55
CA ILE D 16 27.82 -4.02 32.88
C ILE D 16 28.65 -4.81 33.92
N ASN D 17 28.60 -6.15 33.88
CA ASN D 17 29.37 -6.93 34.84
C ASN D 17 30.88 -6.55 34.88
N ILE D 18 31.43 -6.26 33.71
CA ILE D 18 32.84 -5.87 33.58
C ILE D 18 33.09 -4.50 34.23
N VAL D 19 32.18 -3.56 34.02
CA VAL D 19 32.24 -2.24 34.64
C VAL D 19 32.11 -2.32 36.17
N ASN D 20 31.11 -3.06 36.65
CA ASN D 20 30.90 -3.23 38.10
C ASN D 20 32.11 -3.86 38.77
N GLU D 21 32.77 -4.76 38.04
CA GLU D 21 33.95 -5.44 38.58
C GLU D 21 35.09 -4.46 38.84
N ALA D 22 35.35 -3.57 37.89
CA ALA D 22 36.41 -2.58 38.04
C ALA D 22 36.08 -1.63 39.20
N ILE D 23 34.82 -1.20 39.25
CA ILE D 23 34.35 -0.39 40.36
C ILE D 23 34.60 -1.05 41.72
N LYS D 24 34.19 -2.31 41.86
CA LYS D 24 34.36 -3.02 43.15
C LYS D 24 35.84 -3.18 43.50
N LEU D 25 36.64 -3.54 42.50
CA LEU D 25 38.06 -3.77 42.70
C LEU D 25 38.76 -2.52 43.20
N LYS D 26 38.39 -1.38 42.63
CA LYS D 26 38.97 -0.11 43.04
C LYS D 26 38.39 0.46 44.34
N HIS D 27 37.29 -0.09 44.84
CA HIS D 27 36.74 0.39 46.11
C HIS D 27 36.29 -0.73 47.03
N PRO D 28 37.25 -1.49 47.57
CA PRO D 28 36.95 -2.69 48.35
C PRO D 28 36.61 -2.40 49.81
N THR D 29 36.95 -1.20 50.27
CA THR D 29 36.82 -0.84 51.67
C THR D 29 35.48 -0.18 51.94
N PRO D 30 34.80 -0.59 53.01
CA PRO D 30 33.56 0.09 53.41
C PRO D 30 33.85 1.49 53.92
N GLU D 31 32.83 2.34 53.90
CA GLU D 31 32.98 3.73 54.34
C GLU D 31 31.93 4.10 55.38
N ASN D 32 32.38 4.48 56.57
CA ASN D 32 31.47 4.97 57.59
C ASN D 32 30.98 6.38 57.25
N PHE D 33 29.72 6.66 57.54
CA PHE D 33 29.17 7.97 57.29
C PHE D 33 28.28 8.39 58.44
N GLU D 34 28.14 9.70 58.61
CA GLU D 34 27.24 10.21 59.61
C GLU D 34 26.76 11.59 59.22
N LEU D 35 25.51 11.84 59.57
CA LEU D 35 24.85 13.10 59.31
C LEU D 35 24.36 13.61 60.64
N LEU D 36 24.99 14.68 61.14
CA LEU D 36 24.58 15.24 62.42
C LEU D 36 23.94 16.61 62.24
N ASN D 37 23.07 16.98 63.17
CA ASN D 37 22.38 18.27 63.13
C ASN D 37 21.60 18.48 61.82
N GLY D 38 21.09 17.40 61.23
CA GLY D 38 20.21 17.49 60.09
C GLY D 38 18.91 18.17 60.47
N LYS D 39 18.35 18.95 59.54
CA LYS D 39 17.12 19.69 59.84
C LYS D 39 15.96 18.76 60.12
N TYR D 40 15.91 17.67 59.34
CA TYR D 40 14.80 16.71 59.41
C TYR D 40 15.21 15.45 60.12
N GLY D 41 16.42 15.44 60.67
CA GLY D 41 16.89 14.31 61.44
C GLY D 41 18.34 13.97 61.16
N ASN D 42 18.86 13.01 61.90
CA ASN D 42 20.22 12.58 61.70
C ASN D 42 20.32 11.08 61.44
N CYS D 43 21.49 10.62 61.03
CA CYS D 43 21.71 9.20 60.74
C CYS D 43 23.18 8.81 60.71
N SER D 44 23.45 7.53 60.68
CA SER D 44 24.79 7.05 60.62
C SER D 44 24.79 5.61 60.14
N GLY D 45 25.88 5.17 59.55
CA GLY D 45 25.97 3.83 59.02
C GLY D 45 27.23 3.52 58.25
N SER D 46 27.22 2.43 57.51
CA SER D 46 28.38 2.05 56.72
C SER D 46 27.94 1.66 55.33
N PHE D 47 28.64 2.24 54.35
CA PHE D 47 28.47 1.94 52.93
C PHE D 47 29.41 0.84 52.50
N GLU D 48 28.97 0.01 51.57
CA GLU D 48 29.89 -0.72 50.70
C GLU D 48 29.79 -0.05 49.35
N GLU D 49 30.65 -0.41 48.39
CA GLU D 49 30.69 0.37 47.15
C GLU D 49 29.40 0.19 46.36
N TRP D 50 28.96 1.26 45.70
CA TRP D 50 27.79 1.20 44.87
C TRP D 50 28.05 0.29 43.68
N GLN D 51 26.99 -0.18 43.06
CA GLN D 51 27.11 -0.98 41.85
C GLN D 51 26.00 -0.56 40.89
N ILE D 52 26.24 -0.69 39.60
CA ILE D 52 25.16 -0.47 38.65
C ILE D 52 24.16 -1.64 38.81
N THR D 53 22.87 -1.36 38.87
CA THR D 53 21.88 -2.45 38.90
C THR D 53 20.85 -2.26 37.78
N ASN D 54 19.91 -3.18 37.62
CA ASN D 54 18.98 -3.09 36.49
C ASN D 54 17.92 -2.01 36.69
N GLY D 55 17.22 -1.66 35.63
CA GLY D 55 16.14 -0.68 35.68
C GLY D 55 16.46 0.66 35.02
N GLY D 56 17.65 0.82 34.51
CA GLY D 56 18.07 2.04 33.85
C GLY D 56 17.80 2.03 32.37
N ASP D 57 17.96 3.15 31.70
CA ASP D 57 17.80 3.24 30.25
C ASP D 57 18.41 4.50 29.65
N GLY D 58 19.16 4.38 28.57
CA GLY D 58 19.76 5.54 27.95
C GLY D 58 20.68 6.26 28.91
N SER D 59 20.38 7.51 29.19
CA SER D 59 21.18 8.29 30.11
C SER D 59 21.01 7.84 31.57
N ASN D 60 19.89 7.17 31.84
CA ASN D 60 19.49 6.91 33.23
C ASN D 60 20.11 5.62 33.71
N ILE D 61 20.82 5.72 34.83
CA ILE D 61 21.54 4.62 35.45
C ILE D 61 20.99 4.33 36.84
N ARG D 62 20.71 3.07 37.13
CA ARG D 62 20.35 2.67 38.49
C ARG D 62 21.58 2.20 39.25
N LEU D 63 21.72 2.71 40.47
CA LEU D 63 22.75 2.24 41.37
C LEU D 63 22.13 1.54 42.57
N LYS D 64 22.77 0.45 42.97
CA LYS D 64 22.43 -0.24 44.22
C LYS D 64 23.48 0.11 45.26
N ILE D 65 23.04 0.69 46.37
CA ILE D 65 23.96 1.10 47.44
C ILE D 65 23.69 0.31 48.72
N PRO D 66 24.55 -0.66 49.03
CA PRO D 66 24.33 -1.47 50.23
C PRO D 66 24.75 -0.75 51.49
N ILE D 67 23.84 -0.73 52.47
CA ILE D 67 24.03 -0.02 53.72
C ILE D 67 23.87 -0.96 54.92
N LYS D 68 24.82 -0.90 55.85
CA LYS D 68 24.73 -1.74 57.03
C LYS D 68 24.87 -0.93 58.32
N ASN D 69 24.40 -1.52 59.41
CA ASN D 69 24.52 -0.94 60.74
C ASN D 69 24.05 0.51 60.77
N PHE D 70 22.85 0.72 60.21
CA PHE D 70 22.31 2.05 60.06
C PHE D 70 21.50 2.42 61.29
N LYS D 71 21.65 3.66 61.72
CA LYS D 71 20.82 4.21 62.77
C LYS D 71 20.37 5.59 62.33
N ALA D 72 19.19 6.00 62.77
CA ALA D 72 18.73 7.34 62.46
C ALA D 72 17.79 7.86 63.55
N THR D 73 17.80 9.17 63.72
CA THR D 73 16.86 9.85 64.60
C THR D 73 16.05 10.80 63.75
N ILE D 74 14.74 10.58 63.70
CA ILE D 74 13.84 11.38 62.88
C ILE D 74 13.25 12.50 63.71
N ILE D 75 13.17 13.69 63.12
CA ILE D 75 12.66 14.89 63.79
C ILE D 75 11.53 15.54 63.00
N GLY D 76 10.49 15.98 63.68
CA GLY D 76 9.39 16.68 63.04
C GLY D 76 8.20 16.81 64.00
N ASN D 77 7.33 17.76 63.74
CA ASN D 77 6.20 17.89 64.58
C ASN D 77 5.39 16.65 64.42
N ARG D 78 5.28 16.22 63.17
CA ARG D 78 4.55 15.03 62.77
C ARG D 78 5.04 13.62 63.06
N LEU D 79 6.32 13.34 62.88
CA LEU D 79 6.86 12.01 63.12
C LEU D 79 8.09 12.26 63.92
N ASN D 80 8.48 11.32 64.75
CA ASN D 80 9.60 11.54 65.66
C ASN D 80 10.03 10.24 66.28
N GLY D 81 11.32 9.92 66.19
CA GLY D 81 11.80 8.71 66.83
C GLY D 81 13.18 8.23 66.43
N LYS D 82 13.62 7.19 67.12
CA LYS D 82 14.90 6.58 66.80
C LYS D 82 14.65 5.20 66.22
N GLY D 83 15.49 4.81 65.27
CA GLY D 83 15.36 3.51 64.63
C GLY D 83 16.60 3.13 63.83
N GLY D 84 16.43 2.18 62.92
CA GLY D 84 17.51 1.78 62.04
C GLY D 84 17.27 0.46 61.36
N PHE D 85 18.34 -0.11 60.80
CA PHE D 85 18.28 -1.44 60.22
C PHE D 85 19.69 -2.03 60.17
N ALA D 86 19.78 -3.35 60.05
CA ALA D 86 21.08 -4.01 59.99
C ALA D 86 21.61 -4.00 58.56
N PHE D 87 20.71 -4.18 57.60
CA PHE D 87 21.11 -4.15 56.21
C PHE D 87 19.96 -3.68 55.33
N ALA D 88 20.30 -2.96 54.27
CA ALA D 88 19.33 -2.57 53.24
C ALA D 88 20.07 -2.16 52.00
N ASN D 89 19.45 -2.32 50.85
CA ASN D 89 19.98 -1.73 49.63
C ASN D 89 19.21 -0.48 49.28
N LEU D 90 19.91 0.66 49.33
CA LEU D 90 19.37 1.88 48.78
C LEU D 90 19.54 1.84 47.26
N GLU D 91 18.46 2.03 46.52
CA GLU D 91 18.53 2.15 45.07
C GLU D 91 18.26 3.58 44.63
N VAL D 92 19.17 4.14 43.84
CA VAL D 92 18.98 5.47 43.27
C VAL D 92 19.12 5.47 41.74
N GLN D 93 18.62 6.54 41.11
CA GLN D 93 18.83 6.74 39.69
C GLN D 93 19.63 8.02 39.42
N VAL D 94 20.69 7.89 38.65
CA VAL D 94 21.54 9.02 38.34
C VAL D 94 21.73 9.11 36.85
N LYS D 95 22.40 10.16 36.39
CA LYS D 95 22.88 10.22 35.03
C LYS D 95 24.38 10.28 35.12
N LEU D 96 25.06 10.04 34.00
CA LEU D 96 26.51 10.21 33.93
C LEU D 96 26.76 11.45 33.08
N LYS D 97 27.99 11.93 33.06
CA LYS D 97 28.34 13.13 32.30
C LYS D 97 29.82 13.11 31.89
N TYR D 98 30.15 13.56 30.67
CA TYR D 98 31.54 13.73 30.27
C TYR D 98 32.07 15.08 30.77
N LEU D 99 33.21 15.03 31.44
CA LEU D 99 33.81 16.19 32.06
C LEU D 99 35.25 16.23 31.66
N PRO D 100 35.82 17.44 31.61
CA PRO D 100 37.23 17.55 31.22
C PRO D 100 38.13 16.72 32.13
N HIS D 101 39.08 16.00 31.54
CA HIS D 101 39.98 15.17 32.29
C HIS D 101 41.17 15.98 32.75
N PHE D 102 41.59 15.79 33.99
CA PHE D 102 42.81 16.46 34.42
C PHE D 102 43.86 15.50 34.95
N PRO D 103 45.14 15.78 34.64
CA PRO D 103 45.61 16.93 33.85
C PRO D 103 45.23 16.89 32.38
N GLN D 104 45.21 18.05 31.74
CA GLN D 104 44.90 18.14 30.32
C GLN D 104 46.01 17.48 29.53
N SER D 105 45.67 16.94 28.38
CA SER D 105 46.64 16.33 27.51
C SER D 105 47.61 17.39 27.00
N LYS D 106 48.84 16.97 26.76
CA LYS D 106 49.84 17.89 26.25
C LYS D 106 49.41 18.38 24.87
N ASN D 107 48.87 17.49 24.06
CA ASN D 107 48.44 17.85 22.73
C ASN D 107 47.20 18.69 22.84
N LYS D 108 47.35 19.93 22.41
CA LYS D 108 46.30 20.90 22.46
C LYS D 108 45.22 20.67 21.43
N ASP D 109 45.47 19.74 20.54
CA ASP D 109 44.49 19.33 19.53
C ASP D 109 43.43 18.37 20.07
N ILE D 110 43.65 17.86 21.28
CA ILE D 110 42.78 16.84 21.83
C ILE D 110 42.31 17.24 23.21
N GLU D 111 41.00 17.18 23.44
CA GLU D 111 40.48 17.32 24.78
C GLU D 111 40.11 15.95 25.40
N LEU D 112 40.87 15.53 26.40
CA LEU D 112 40.53 14.33 27.12
C LEU D 112 39.30 14.58 27.98
N VAL D 113 38.24 13.79 27.81
CA VAL D 113 37.11 13.91 28.73
C VAL D 113 36.79 12.58 29.45
N ASP D 114 36.43 12.67 30.73
CA ASP D 114 36.08 11.48 31.53
C ASP D 114 34.58 11.25 31.64
N LEU D 115 34.15 9.99 31.61
CA LEU D 115 32.76 9.67 31.94
C LEU D 115 32.67 9.42 33.44
N LYS D 116 31.83 10.20 34.13
CA LYS D 116 31.68 10.11 35.59
C LYS D 116 30.22 10.28 35.97
N ILE D 117 29.85 9.84 37.16
CA ILE D 117 28.49 10.07 37.63
C ILE D 117 28.26 11.57 37.76
N ARG D 118 27.13 12.04 37.24
CA ARG D 118 26.74 13.43 37.43
C ARG D 118 26.21 13.60 38.85
N THR D 119 26.94 14.33 39.68
CA THR D 119 26.64 14.45 41.11
C THR D 119 25.66 15.57 41.42
N GLN D 120 25.57 16.57 40.55
CA GLN D 120 24.72 17.73 40.81
C GLN D 120 23.93 18.18 39.59
N SER D 121 22.76 18.75 39.83
CA SER D 121 21.91 19.26 38.77
C SER D 121 21.13 20.48 39.22
N ASP D 122 21.11 21.53 38.40
CA ASP D 122 20.33 22.71 38.77
C ASP D 122 18.97 22.75 38.07
N ASN D 123 18.58 21.67 37.41
CA ASN D 123 17.28 21.55 36.75
C ASN D 123 16.33 20.68 37.59
N PRO D 124 15.23 21.27 38.10
CA PRO D 124 14.26 20.61 38.99
C PRO D 124 13.56 19.42 38.34
N GLU D 125 13.53 19.42 37.01
CA GLU D 125 12.90 18.35 36.25
C GLU D 125 13.90 17.24 35.95
N ASP D 126 15.14 17.42 36.38
CA ASP D 126 16.15 16.40 36.14
C ASP D 126 17.05 16.28 37.37
N PRO D 127 16.52 15.71 38.45
CA PRO D 127 17.29 15.67 39.70
C PRO D 127 18.54 14.79 39.56
N ALA D 128 19.61 15.17 40.25
CA ALA D 128 20.86 14.40 40.20
C ALA D 128 20.73 13.02 40.84
N ILE D 129 20.02 12.95 41.96
CA ILE D 129 19.87 11.70 42.69
C ILE D 129 18.40 11.42 42.97
N ILE D 130 17.83 10.43 42.30
CA ILE D 130 16.42 10.08 42.46
C ILE D 130 16.32 8.83 43.34
N VAL D 131 15.60 8.90 44.45
CA VAL D 131 15.47 7.70 45.28
C VAL D 131 14.38 6.78 44.74
N ILE D 132 14.71 5.53 44.58
CA ILE D 132 13.73 4.59 44.10
C ILE D 132 13.13 3.80 45.26
N SER D 133 11.83 3.62 45.22
CA SER D 133 11.14 2.97 46.28
C SER D 133 11.32 1.51 46.20
N SER D 134 12.42 1.02 46.72
CA SER D 134 12.75 -0.38 46.74
C SER D 134 13.15 -0.76 48.13
N TYR D 135 12.35 -1.58 48.78
CA TYR D 135 12.58 -1.99 50.15
C TYR D 135 13.04 -3.42 50.16
N LYS D 136 13.94 -3.69 49.25
CA LYS D 136 14.47 -5.00 49.06
C LYS D 136 15.41 -5.51 50.10
N ASN D 137 15.14 -6.73 50.56
CA ASN D 137 15.97 -7.44 51.51
C ASN D 137 16.47 -6.57 52.65
N ILE D 138 15.56 -5.89 53.32
CA ILE D 138 15.88 -5.12 54.50
C ILE D 138 15.91 -6.05 55.71
N GLN D 139 16.98 -5.96 56.50
CA GLN D 139 17.12 -6.82 57.65
C GLN D 139 17.26 -5.99 58.92
N GLY D 140 16.64 -6.50 59.99
CA GLY D 140 16.78 -5.91 61.30
C GLY D 140 16.18 -4.53 61.43
N PHE D 141 15.13 -4.25 60.67
CA PHE D 141 14.47 -2.94 60.76
C PHE D 141 13.89 -2.73 62.16
N TYR D 142 13.92 -1.48 62.61
CA TYR D 142 13.25 -1.10 63.85
C TYR D 142 13.02 0.40 63.90
N PHE D 143 12.01 0.81 64.65
CA PHE D 143 11.76 2.23 64.88
C PHE D 143 10.99 2.42 66.17
N GLU D 144 11.64 3.03 67.16
CA GLU D 144 11.10 3.17 68.50
C GLU D 144 10.70 1.80 69.05
N ASP D 145 9.42 1.62 69.32
CA ASP D 145 8.91 0.37 69.87
C ASP D 145 8.63 -0.71 68.83
N GLU D 146 8.67 -0.34 67.55
CA GLU D 146 8.30 -1.28 66.49
C GLU D 146 9.53 -1.93 65.87
N TYR D 147 9.64 -3.26 66.00
CA TYR D 147 10.79 -3.99 65.51
C TYR D 147 10.43 -4.87 64.30
N LYS D 148 9.19 -4.72 63.83
CA LYS D 148 8.79 -5.38 62.60
C LYS D 148 8.61 -4.36 61.47
N LEU D 149 8.85 -4.81 60.25
CA LEU D 149 8.67 -3.97 59.07
C LEU D 149 7.32 -4.27 58.45
N THR D 150 6.37 -3.36 58.64
CA THR D 150 5.01 -3.54 58.12
C THR D 150 4.74 -2.57 56.98
N GLU D 151 3.62 -2.75 56.30
CA GLU D 151 3.22 -1.81 55.27
C GLU D 151 2.98 -0.44 55.88
N ASP D 152 2.44 -0.43 57.10
CA ASP D 152 2.07 0.80 57.79
C ASP D 152 3.27 1.65 58.19
N ASP D 153 4.45 1.05 58.25
CA ASP D 153 5.64 1.81 58.62
C ASP D 153 6.73 1.74 57.56
N GLU D 154 6.37 1.30 56.37
CA GLU D 154 7.31 1.31 55.25
C GLU D 154 7.77 2.74 54.93
N PHE D 155 6.97 3.72 55.31
CA PHE D 155 7.30 5.12 55.03
C PHE D 155 8.45 5.58 55.90
N VAL D 156 8.65 4.92 57.03
CA VAL D 156 9.79 5.21 57.88
C VAL D 156 11.08 4.93 57.09
N VAL D 157 11.08 3.83 56.35
CA VAL D 157 12.26 3.45 55.57
C VAL D 157 12.49 4.47 54.47
N SER D 158 11.44 4.88 53.78
CA SER D 158 11.57 5.92 52.75
C SER D 158 12.20 7.18 53.32
N TYR D 159 11.86 7.48 54.57
CA TYR D 159 12.40 8.64 55.27
C TYR D 159 13.90 8.43 55.53
N PHE D 160 14.25 7.26 56.07
CA PHE D 160 15.66 6.87 56.21
C PHE D 160 16.46 7.16 54.94
N TYR D 161 15.94 6.68 53.83
CA TYR D 161 16.62 6.78 52.53
C TYR D 161 16.90 8.23 52.15
N ARG D 162 15.94 9.10 52.44
N ARG D 162 15.97 9.12 52.46
CA ARG D 162 16.09 10.52 52.14
CA ARG D 162 16.15 10.52 52.11
C ARG D 162 17.20 11.12 53.01
C ARG D 162 17.07 11.26 53.08
N LEU D 163 17.25 10.70 54.27
CA LEU D 163 18.31 11.17 55.18
C LEU D 163 19.67 10.75 54.62
N ILE D 164 19.74 9.50 54.14
CA ILE D 164 20.95 9.02 53.50
C ILE D 164 21.28 9.86 52.26
N LYS D 165 20.25 10.22 51.50
CA LYS D 165 20.42 11.06 50.31
C LYS D 165 20.99 12.43 50.73
N GLU D 166 20.51 12.98 51.84
CA GLU D 166 21.03 14.25 52.31
C GLU D 166 22.54 14.19 52.52
N TRP D 167 23.04 13.09 53.09
CA TRP D 167 24.48 12.89 53.23
C TRP D 167 25.17 12.82 51.88
N LEU D 168 24.61 12.02 50.97
CA LEU D 168 25.19 11.79 49.63
C LEU D 168 25.38 13.09 48.88
N GLU D 169 24.39 13.96 48.95
CA GLU D 169 24.38 15.25 48.28
C GLU D 169 25.47 16.18 48.74
N LYS D 170 25.95 15.96 49.96
CA LYS D 170 26.97 16.80 50.57
C LYS D 170 28.34 16.13 50.54
N ASN D 171 28.37 14.84 50.18
CA ASN D 171 29.63 14.12 50.18
C ASN D 171 29.85 13.43 48.85
N LEU D 172 30.07 14.26 47.83
CA LEU D 172 30.07 13.83 46.43
C LEU D 172 31.16 12.81 46.08
N HIS D 173 32.21 12.75 46.88
CA HIS D 173 33.30 11.83 46.61
C HIS D 173 32.83 10.37 46.64
N PHE D 174 31.69 10.12 47.29
CA PHE D 174 31.14 8.75 47.34
C PHE D 174 31.00 8.20 45.93
N PHE D 175 30.66 9.07 44.99
CA PHE D 175 30.36 8.61 43.63
C PHE D 175 31.57 8.60 42.71
N ASN D 176 32.78 8.79 43.21
CA ASN D 176 33.95 8.83 42.36
C ASN D 176 34.29 7.57 41.61
N TYR D 177 34.33 7.69 40.30
CA TYR D 177 34.77 6.65 39.41
C TYR D 177 34.83 7.16 37.99
N ILE D 178 35.89 6.83 37.30
CA ILE D 178 36.00 7.20 35.92
C ILE D 178 35.65 5.93 35.13
N PHE D 179 34.54 5.98 34.46
CA PHE D 179 34.11 4.84 33.65
C PHE D 179 35.00 4.67 32.42
N ASN D 180 35.21 5.76 31.69
CA ASN D 180 36.13 5.76 30.55
C ASN D 180 36.57 7.18 30.23
N THR D 181 37.54 7.30 29.33
CA THR D 181 38.18 8.56 28.98
C THR D 181 38.31 8.60 27.46
N VAL D 182 37.82 9.66 26.82
CA VAL D 182 37.75 9.71 25.37
C VAL D 182 38.60 10.85 24.81
N ASN D 183 39.33 10.58 23.73
CA ASN D 183 40.10 11.64 23.08
C ASN D 183 39.19 12.38 22.14
N LEU D 184 38.64 13.50 22.56
CA LEU D 184 37.92 14.38 21.65
C LEU D 184 38.90 15.15 20.76
N ASN D 185 38.84 14.85 19.47
CA ASN D 185 39.61 15.58 18.48
C ASN D 185 38.86 16.84 18.04
N LEU D 186 39.16 17.94 18.70
CA LEU D 186 38.46 19.22 18.55
C LEU D 186 38.56 19.86 17.17
N TYR D 187 39.64 19.60 16.46
CA TYR D 187 39.95 20.41 15.29
C TYR D 187 40.20 19.57 14.03
N ILE D 188 39.55 18.41 13.95
CA ILE D 188 39.69 17.49 12.81
C ILE D 188 39.50 18.15 11.44
N SER D 189 40.45 17.92 10.54
CA SER D 189 40.33 18.36 9.15
C SER D 189 40.80 17.25 8.20
N ASP D 190 40.53 17.45 6.91
CA ASP D 190 40.89 16.53 5.81
C ASP D 190 42.27 15.88 5.88
N LYS D 191 43.26 16.64 6.35
CA LYS D 191 44.65 16.21 6.34
C LYS D 191 44.94 15.00 7.26
N GLU D 192 44.00 14.67 8.14
CA GLU D 192 44.21 13.58 9.09
C GLU D 192 43.75 12.21 8.57
N LYS D 193 44.57 11.20 8.83
CA LYS D 193 44.23 9.82 8.59
C LYS D 193 43.12 9.36 9.54
N TRP D 194 42.36 8.35 9.14
CA TRP D 194 41.30 7.78 9.98
C TRP D 194 40.35 8.83 10.57
N GLU D 195 40.08 9.89 9.84
CA GLU D 195 39.19 10.93 10.34
C GLU D 195 37.83 10.33 10.74
N TRP D 196 37.41 9.27 10.05
CA TRP D 196 36.09 8.69 10.28
C TRP D 196 36.03 7.83 11.54
N THR D 197 37.17 7.51 12.17
CA THR D 197 37.09 6.83 13.47
C THR D 197 37.62 7.66 14.62
N LYS D 198 37.89 8.94 14.40
CA LYS D 198 38.37 9.78 15.49
C LYS D 198 37.23 10.61 16.06
N PRO D 199 36.89 10.41 17.35
CA PRO D 199 35.73 11.09 17.93
C PRO D 199 35.86 12.60 17.96
N SER D 200 34.78 13.29 17.60
CA SER D 200 34.68 14.75 17.75
C SER D 200 33.52 15.11 18.67
N TYR D 201 32.69 14.12 18.98
CA TYR D 201 31.61 14.31 19.93
C TYR D 201 31.28 12.97 20.57
N VAL D 202 31.02 12.97 21.87
CA VAL D 202 30.78 11.69 22.56
C VAL D 202 29.64 11.77 23.58
N ASP D 203 28.87 10.68 23.67
CA ASP D 203 27.80 10.53 24.65
C ASP D 203 27.76 9.06 25.07
N TYR D 204 26.87 8.69 25.98
CA TYR D 204 26.84 7.32 26.46
C TYR D 204 25.41 6.79 26.44
N ALA D 205 25.26 5.47 26.59
CA ALA D 205 23.97 4.85 26.80
C ALA D 205 24.08 3.56 27.63
N TYR D 206 23.17 3.41 28.60
CA TYR D 206 22.95 2.13 29.27
C TYR D 206 21.86 1.35 28.56
N SER D 207 22.18 0.16 28.09
CA SER D 207 21.22 -0.66 27.38
C SER D 207 20.98 -1.96 28.12
N GLU D 208 19.75 -2.21 28.54
CA GLU D 208 19.54 -3.48 29.21
C GLU D 208 18.62 -4.38 28.41
N ILE D 209 19.00 -5.65 28.37
CA ILE D 209 18.30 -6.65 27.59
C ILE D 209 17.54 -7.57 28.52
N GLU D 210 16.21 -7.55 28.38
CA GLU D 210 15.32 -8.43 29.14
C GLU D 210 15.46 -8.25 30.65
N GLY D 211 15.96 -7.10 31.07
CA GLY D 211 16.13 -6.81 32.48
C GLY D 211 17.22 -7.66 33.12
N ASP D 212 18.03 -8.29 32.27
CA ASP D 212 19.12 -9.14 32.76
C ASP D 212 20.43 -8.37 32.71
N LEU D 213 20.98 -8.11 33.89
CA LEU D 213 22.19 -7.29 34.02
C LEU D 213 23.38 -7.94 33.32
N SER D 214 23.39 -9.27 33.30
CA SER D 214 24.49 -10.02 32.70
C SER D 214 24.50 -9.90 31.19
N ARG D 215 23.38 -9.49 30.63
CA ARG D 215 23.30 -9.28 29.18
C ARG D 215 23.20 -7.79 28.85
N SER D 216 23.32 -6.95 29.87
CA SER D 216 23.24 -5.50 29.69
C SER D 216 24.61 -4.89 29.48
N ALA D 217 24.63 -3.67 28.93
CA ALA D 217 25.89 -3.04 28.57
C ALA D 217 25.89 -1.52 28.78
N LEU D 218 27.08 -0.97 28.98
CA LEU D 218 27.26 0.46 28.95
C LEU D 218 28.00 0.78 27.66
N GLY D 219 27.55 1.80 26.94
CA GLY D 219 28.16 2.08 25.65
C GLY D 219 28.66 3.49 25.52
N VAL D 220 29.75 3.65 24.78
CA VAL D 220 30.27 4.96 24.44
C VAL D 220 29.86 5.23 22.99
N LEU D 221 29.15 6.33 22.75
CA LEU D 221 28.65 6.64 21.41
C LEU D 221 29.33 7.88 20.83
N CYS D 222 29.97 7.75 19.67
CA CYS D 222 30.77 8.82 19.12
C CYS D 222 30.30 9.27 17.76
N MET D 223 30.35 10.57 17.56
CA MET D 223 30.36 11.11 16.22
C MET D 223 31.82 11.46 15.91
N THR D 224 32.23 11.26 14.67
CA THR D 224 33.63 11.32 14.30
C THR D 224 33.81 12.33 13.18
N GLY D 225 35.06 12.61 12.82
CA GLY D 225 35.35 13.38 11.61
C GLY D 225 34.99 14.86 11.69
N GLY D 226 34.65 15.34 12.89
CA GLY D 226 34.21 16.72 13.05
C GLY D 226 32.71 16.87 13.23
N ARG D 227 31.95 15.80 13.02
CA ARG D 227 30.52 15.84 13.27
C ARG D 227 30.25 15.96 14.78
N THR D 228 29.07 16.43 15.15
CA THR D 228 28.59 16.51 16.52
C THR D 228 27.24 15.86 16.53
N GLY D 229 26.63 15.77 17.69
CA GLY D 229 25.35 15.16 17.85
C GLY D 229 24.13 15.97 17.46
N SER D 230 23.00 15.33 17.36
CA SER D 230 21.75 15.95 16.98
C SER D 230 20.53 15.17 17.44
N LYS D 231 19.35 15.53 16.97
CA LYS D 231 18.14 14.82 17.32
C LYS D 231 18.09 13.47 16.66
N ASN D 232 18.85 13.35 15.59
CA ASN D 232 19.05 12.12 14.83
C ASN D 232 19.66 10.99 15.64
N GLN D 233 20.31 11.36 16.74
CA GLN D 233 21.03 10.42 17.57
C GLN D 233 20.29 10.15 18.88
N GLN D 234 20.20 8.87 19.23
CA GLN D 234 19.51 8.43 20.43
C GLN D 234 20.47 7.70 21.35
N GLN D 235 20.18 7.70 22.64
CA GLN D 235 21.06 7.02 23.58
C GLN D 235 20.58 5.58 23.66
N LYS D 236 21.05 4.79 22.72
CA LYS D 236 20.61 3.43 22.59
C LYS D 236 21.73 2.59 21.98
N ILE D 237 21.77 1.31 22.34
CA ILE D 237 22.73 0.38 21.77
C ILE D 237 21.94 -0.75 21.15
N ASP D 238 22.36 -1.22 19.99
CA ASP D 238 21.71 -2.37 19.39
C ASP D 238 22.00 -3.62 20.23
N PRO D 239 20.99 -4.49 20.39
CA PRO D 239 21.21 -5.75 21.12
C PRO D 239 22.42 -6.55 20.62
N TYR D 240 22.77 -6.41 19.35
CA TYR D 240 23.81 -7.25 18.77
C TYR D 240 25.10 -6.53 18.45
N ALA D 241 25.33 -5.42 19.13
CA ALA D 241 26.56 -4.64 18.99
C ALA D 241 27.80 -5.43 19.36
N ILE D 242 27.70 -6.24 20.40
CA ILE D 242 28.80 -7.10 20.82
C ILE D 242 28.68 -8.47 20.16
N PRO D 243 29.75 -8.94 19.49
CA PRO D 243 29.77 -10.28 18.90
C PRO D 243 29.49 -11.36 19.95
N ALA D 244 28.73 -12.40 19.59
CA ALA D 244 28.47 -13.50 20.52
C ALA D 244 29.79 -14.08 21.01
N ALA D 245 30.81 -14.00 20.16
CA ALA D 245 32.12 -14.59 20.44
C ALA D 245 32.94 -13.86 21.49
N SER D 246 32.62 -12.58 21.71
CA SER D 246 33.53 -11.69 22.40
C SER D 246 32.92 -11.04 23.63
N GLN D 247 33.77 -10.49 24.48
CA GLN D 247 33.34 -9.81 25.69
C GLN D 247 32.76 -8.44 25.35
N SER D 248 33.50 -7.68 24.57
CA SER D 248 33.14 -6.30 24.27
C SER D 248 33.22 -6.08 22.77
N GLY D 249 32.54 -5.02 22.29
CA GLY D 249 32.33 -4.80 20.87
C GLY D 249 32.58 -3.34 20.49
N PHE D 250 33.05 -3.12 19.27
CA PHE D 250 33.27 -1.79 18.71
C PHE D 250 32.75 -1.76 17.28
N LEU D 251 31.89 -0.79 16.95
CA LEU D 251 31.29 -0.68 15.60
C LEU D 251 31.71 0.59 14.89
N ILE D 252 31.95 0.47 13.59
CA ILE D 252 32.18 1.60 12.70
C ILE D 252 31.07 1.64 11.65
N SER D 253 30.31 2.73 11.64
CA SER D 253 29.16 2.91 10.77
C SER D 253 29.49 2.59 9.32
N GLU D 254 28.67 1.75 8.69
CA GLU D 254 28.90 1.44 7.29
C GLU D 254 28.70 2.69 6.46
N GLU D 255 27.95 3.67 6.98
CA GLU D 255 27.88 4.97 6.32
C GLU D 255 29.28 5.54 6.12
N ARG D 256 30.12 5.45 7.13
CA ARG D 256 31.45 6.04 7.05
C ARG D 256 32.37 5.21 6.17
N LEU D 257 32.25 3.89 6.25
CA LEU D 257 32.98 3.01 5.34
C LEU D 257 32.69 3.39 3.89
N LEU D 258 31.42 3.55 3.56
CA LEU D 258 30.99 3.85 2.20
C LEU D 258 31.32 5.29 1.77
N ARG D 259 30.98 6.26 2.62
CA ARG D 259 31.20 7.67 2.29
C ARG D 259 32.67 8.03 2.30
N ASN D 260 33.41 7.53 3.29
CA ASN D 260 34.79 7.99 3.51
C ASN D 260 35.89 7.07 2.99
N ILE D 261 35.56 5.81 2.74
CA ILE D 261 36.58 4.93 2.19
C ILE D 261 36.32 4.57 0.72
N LEU D 262 35.18 3.97 0.41
CA LEU D 262 34.98 3.46 -0.94
C LEU D 262 34.61 4.55 -1.95
N LEU D 263 33.76 5.49 -1.56
CA LEU D 263 33.28 6.51 -2.49
C LEU D 263 34.43 7.32 -3.13
N PRO D 264 35.40 7.81 -2.33
CA PRO D 264 36.53 8.51 -2.98
C PRO D 264 37.43 7.58 -3.80
N THR D 265 37.40 6.29 -3.49
CA THR D 265 38.30 5.31 -4.09
C THR D 265 37.76 4.76 -5.40
N ILE D 266 36.45 4.56 -5.47
CA ILE D 266 35.86 3.85 -6.59
C ILE D 266 36.13 4.46 -7.99
N PRO D 267 36.29 5.80 -8.12
CA PRO D 267 36.53 6.21 -9.51
C PRO D 267 37.87 5.71 -10.09
N LYS D 268 38.82 5.34 -9.22
CA LYS D 268 40.13 4.93 -9.71
C LYS D 268 40.06 3.57 -10.38
N LYS D 269 38.93 2.89 -10.24
CA LYS D 269 38.75 1.61 -10.94
C LYS D 269 38.39 1.85 -12.42
N PHE D 270 37.98 3.08 -12.75
CA PHE D 270 37.37 3.34 -14.06
C PHE D 270 38.02 4.48 -14.84
N PRO D 271 39.02 4.15 -15.67
CA PRO D 271 39.79 5.14 -16.45
C PRO D 271 38.91 5.99 -17.36
N LYS D 272 37.79 5.45 -17.84
CA LYS D 272 36.96 6.22 -18.77
C LYS D 272 35.92 7.06 -18.02
N SER D 273 35.92 6.98 -16.69
CA SER D 273 34.96 7.78 -15.93
C SER D 273 35.44 9.23 -15.86
N LYS D 274 34.50 10.13 -15.66
CA LYS D 274 34.82 11.54 -15.50
C LYS D 274 35.08 11.87 -14.01
N GLY D 275 34.67 10.97 -13.12
CA GLY D 275 34.99 11.11 -11.71
C GLY D 275 33.87 11.57 -10.78
N ASP D 276 32.78 12.04 -11.37
CA ASP D 276 31.69 12.63 -10.61
C ASP D 276 30.41 11.80 -10.64
N GLU D 277 30.52 10.52 -11.01
CA GLU D 277 29.35 9.70 -11.30
C GLU D 277 28.72 9.02 -10.08
N PHE D 278 29.47 8.93 -8.99
CA PHE D 278 29.07 8.11 -7.84
C PHE D 278 28.57 8.91 -6.64
N GLU D 279 27.70 8.29 -5.85
CA GLU D 279 27.11 8.89 -4.66
C GLU D 279 26.84 7.82 -3.62
N VAL D 280 26.73 8.23 -2.37
CA VAL D 280 26.23 7.37 -1.29
C VAL D 280 24.92 7.99 -0.81
N ILE D 281 23.84 7.21 -0.78
CA ILE D 281 22.56 7.73 -0.32
C ILE D 281 21.93 6.78 0.68
N ASN D 282 20.99 7.30 1.44
CA ASN D 282 20.16 6.48 2.32
C ASN D 282 18.89 6.06 1.59
N GLU D 283 18.75 4.76 1.33
CA GLU D 283 17.57 4.21 0.66
C GLU D 283 16.60 3.59 1.65
N SER D 284 15.31 3.58 1.28
CA SER D 284 14.25 2.96 2.09
C SER D 284 12.88 3.10 1.44
N SER D 285 11.93 2.32 1.95
CA SER D 285 10.55 2.38 1.47
C SER D 285 9.67 3.16 2.45
N GLN D 286 8.96 4.15 1.92
CA GLN D 286 8.10 5.07 2.69
C GLN D 286 8.89 5.99 3.64
N GLY D 287 9.74 5.42 4.49
CA GLY D 287 10.55 6.20 5.41
C GLY D 287 11.96 5.68 5.60
N GLY D 288 12.93 6.58 5.75
CA GLY D 288 14.34 6.22 5.82
C GLY D 288 14.97 6.08 7.19
N GLY D 289 15.76 5.02 7.37
CA GLY D 289 16.40 4.72 8.63
C GLY D 289 17.92 4.62 8.56
N TYR D 290 18.45 3.40 8.45
CA TYR D 290 19.90 3.23 8.51
C TYR D 290 20.56 2.49 7.32
N SER D 291 19.86 2.34 6.21
CA SER D 291 20.40 1.59 5.07
C SER D 291 21.02 2.46 3.99
N TYR D 292 22.34 2.36 3.84
CA TYR D 292 23.07 3.20 2.91
C TYR D 292 23.59 2.41 1.72
N ILE D 293 23.66 3.06 0.55
CA ILE D 293 24.16 2.39 -0.63
C ILE D 293 25.07 3.30 -1.46
N LEU D 294 26.12 2.70 -1.98
CA LEU D 294 26.99 3.37 -2.93
C LEU D 294 26.49 3.00 -4.33
N LYS D 295 26.21 4.00 -5.17
CA LYS D 295 25.57 3.77 -6.46
C LYS D 295 26.00 4.82 -7.49
N LEU D 296 25.51 4.66 -8.72
CA LEU D 296 25.65 5.71 -9.71
C LEU D 296 24.56 6.74 -9.50
N LYS D 297 24.90 8.02 -9.69
CA LYS D 297 23.88 9.05 -9.73
C LYS D 297 22.94 8.76 -10.90
N LYS D 298 21.72 9.27 -10.81
CA LYS D 298 20.71 9.02 -11.83
C LYS D 298 21.15 9.64 -13.14
N GLY D 299 21.00 8.90 -14.25
CA GLY D 299 21.42 9.40 -15.54
C GLY D 299 22.89 9.15 -15.92
N LYS D 300 23.68 8.65 -14.97
CA LYS D 300 25.11 8.48 -15.22
C LYS D 300 25.42 7.06 -15.69
N LYS D 301 26.41 6.92 -16.57
CA LYS D 301 26.94 5.60 -16.91
C LYS D 301 28.47 5.61 -16.97
N ILE D 302 29.05 4.43 -16.81
CA ILE D 302 30.50 4.30 -16.88
C ILE D 302 30.88 3.42 -18.07
N ASP D 303 31.63 3.96 -19.02
CA ASP D 303 32.19 3.16 -20.10
C ASP D 303 33.36 2.33 -19.59
N LEU D 304 33.45 1.10 -20.07
CA LEU D 304 34.52 0.18 -19.65
C LEU D 304 35.48 -0.12 -20.81
N GLU D 305 36.57 -0.82 -20.50
N GLU D 305 36.55 -0.83 -20.49
CA GLU D 305 37.54 -1.24 -21.52
CA GLU D 305 37.51 -1.36 -21.46
C GLU D 305 36.85 -2.00 -22.65
C GLU D 305 36.82 -2.03 -22.66
N ASN D 306 37.28 -1.75 -23.87
CA ASN D 306 36.61 -2.33 -25.05
C ASN D 306 36.85 -3.84 -25.21
N ILE D 307 35.83 -4.53 -25.72
CA ILE D 307 35.98 -5.94 -26.03
C ILE D 307 35.85 -6.12 -27.53
N GLN D 308 36.34 -7.24 -28.02
CA GLN D 308 36.16 -7.74 -29.37
C GLN D 308 35.17 -8.89 -29.35
N ALA D 309 34.01 -8.72 -29.97
CA ALA D 309 33.02 -9.80 -30.06
C ALA D 309 32.41 -9.84 -31.45
N VAL D 310 32.28 -11.06 -31.98
CA VAL D 310 31.78 -11.34 -33.33
C VAL D 310 32.22 -10.28 -34.36
N GLY D 311 33.49 -9.90 -34.28
CA GLY D 311 34.08 -9.05 -35.31
C GLY D 311 33.90 -7.56 -35.05
N TYR D 312 33.32 -7.23 -33.89
CA TYR D 312 33.10 -5.84 -33.53
C TYR D 312 33.85 -5.41 -32.28
N THR D 313 34.47 -4.24 -32.35
CA THR D 313 34.97 -3.58 -31.15
C THR D 313 33.78 -2.90 -30.42
N CYS D 314 33.44 -3.44 -29.26
CA CYS D 314 32.28 -2.98 -28.50
C CYS D 314 32.70 -2.42 -27.15
N THR D 315 31.91 -1.48 -26.67
CA THR D 315 32.21 -0.79 -25.42
C THR D 315 31.19 -1.18 -24.37
N PRO D 316 31.58 -2.05 -23.44
CA PRO D 316 30.65 -2.35 -22.36
C PRO D 316 30.44 -1.10 -21.51
N TYR D 317 29.27 -0.94 -20.92
CA TYR D 317 29.06 0.14 -19.98
C TYR D 317 28.22 -0.29 -18.78
N ILE D 318 28.48 0.35 -17.65
CA ILE D 318 27.70 0.15 -16.42
C ILE D 318 26.57 1.18 -16.35
N GLN D 319 25.32 0.71 -16.40
CA GLN D 319 24.17 1.60 -16.31
C GLN D 319 23.60 1.64 -14.89
N GLU D 320 24.05 0.74 -14.05
CA GLU D 320 23.52 0.66 -12.71
C GLU D 320 24.46 -0.14 -11.84
N MET D 321 24.56 0.24 -10.57
CA MET D 321 25.35 -0.53 -9.63
C MET D 321 24.92 -0.24 -8.21
N LYS D 322 25.05 -1.26 -7.35
CA LYS D 322 24.81 -1.11 -5.92
C LYS D 322 25.92 -1.76 -5.14
N ILE D 323 26.50 -0.97 -4.23
CA ILE D 323 27.46 -1.49 -3.25
C ILE D 323 26.88 -1.19 -1.87
N TYR D 324 26.77 -2.22 -1.04
CA TYR D 324 26.20 -2.04 0.29
C TYR D 324 26.57 -3.18 1.24
N LEU D 325 26.24 -2.96 2.51
CA LEU D 325 26.56 -3.85 3.61
C LEU D 325 25.31 -4.55 4.09
N LEU D 326 25.29 -5.88 3.96
CA LEU D 326 24.15 -6.69 4.39
C LEU D 326 24.59 -7.96 5.11
N GLY D 327 24.13 -8.12 6.35
CA GLY D 327 24.52 -9.26 7.16
C GLY D 327 26.02 -9.29 7.35
N SER D 328 26.64 -10.39 6.94
CA SER D 328 28.09 -10.54 7.07
C SER D 328 28.84 -10.10 5.82
N TYR D 329 28.13 -9.50 4.87
CA TYR D 329 28.70 -9.27 3.53
C TYR D 329 28.85 -7.84 3.11
N LEU D 330 29.94 -7.60 2.38
CA LEU D 330 29.99 -6.48 1.44
C LEU D 330 29.43 -7.02 0.14
N LYS D 331 28.33 -6.46 -0.35
CA LYS D 331 27.69 -6.94 -1.59
C LYS D 331 27.80 -5.96 -2.73
N LEU D 332 28.08 -6.51 -3.89
CA LEU D 332 28.23 -5.76 -5.14
C LEU D 332 27.20 -6.25 -6.14
N GLU D 333 26.36 -5.35 -6.63
CA GLU D 333 25.57 -5.67 -7.81
C GLU D 333 26.01 -4.73 -8.91
N THR D 334 26.34 -5.26 -10.08
CA THR D 334 26.71 -4.42 -11.20
C THR D 334 25.96 -4.79 -12.47
N THR D 335 25.30 -3.82 -13.08
CA THR D 335 24.60 -4.08 -14.33
C THR D 335 25.44 -3.63 -15.52
N THR D 336 25.91 -4.57 -16.32
CA THR D 336 26.70 -4.19 -17.51
C THR D 336 25.91 -4.38 -18.83
N ARG D 337 26.06 -3.43 -19.74
CA ARG D 337 25.31 -3.49 -21.00
C ARG D 337 26.24 -3.40 -22.17
N VAL D 338 25.99 -4.19 -23.21
CA VAL D 338 26.78 -4.10 -24.44
C VAL D 338 25.81 -4.15 -25.61
N ASP D 339 25.99 -3.25 -26.57
CA ASP D 339 25.17 -3.27 -27.79
C ASP D 339 26.00 -3.64 -29.01
N LEU D 340 25.49 -4.59 -29.79
CA LEU D 340 26.09 -4.87 -31.08
C LEU D 340 25.40 -3.97 -32.09
N PRO D 341 26.18 -3.23 -32.90
CA PRO D 341 25.56 -2.23 -33.80
C PRO D 341 24.51 -2.84 -34.74
N LEU D 342 24.75 -4.06 -35.19
CA LEU D 342 23.75 -4.79 -35.97
C LEU D 342 22.38 -4.87 -35.31
N GLY D 343 22.33 -4.77 -33.99
CA GLY D 343 21.05 -4.71 -33.32
C GLY D 343 20.79 -5.85 -32.33
N VAL D 344 21.73 -6.15 -31.47
N VAL D 344 21.75 -6.11 -31.48
CA VAL D 344 21.39 -7.05 -30.37
CA VAL D 344 21.56 -7.05 -30.37
C VAL D 344 21.94 -6.50 -29.07
C VAL D 344 21.91 -6.32 -29.09
N ALA D 345 21.02 -6.36 -28.10
CA ALA D 345 21.32 -5.76 -26.82
C ALA D 345 21.53 -6.83 -25.74
N SER D 346 22.61 -6.67 -24.99
CA SER D 346 22.91 -7.55 -23.87
C SER D 346 22.89 -6.77 -22.57
N ILE D 347 22.19 -7.29 -21.56
CA ILE D 347 22.24 -6.68 -20.24
C ILE D 347 22.45 -7.76 -19.16
N CYS D 348 23.58 -7.67 -18.45
CA CYS D 348 23.86 -8.61 -17.38
C CYS D 348 23.69 -7.93 -16.01
N GLU D 349 22.89 -8.53 -15.14
CA GLU D 349 22.87 -8.11 -13.74
C GLU D 349 23.67 -9.15 -12.97
N THR D 350 24.83 -8.74 -12.45
CA THR D 350 25.75 -9.66 -11.81
C THR D 350 25.97 -9.28 -10.34
N THR D 351 25.91 -10.28 -9.48
CA THR D 351 26.07 -10.02 -8.05
C THR D 351 27.19 -10.85 -7.43
N CYS D 352 28.01 -10.19 -6.62
CA CYS D 352 29.14 -10.79 -5.93
C CYS D 352 29.04 -10.44 -4.42
N GLU D 353 29.64 -11.28 -3.57
CA GLU D 353 29.54 -11.18 -2.11
C GLU D 353 30.89 -11.40 -1.41
N TYR D 354 31.18 -10.62 -0.37
CA TYR D 354 32.46 -10.69 0.31
C TYR D 354 32.33 -10.67 1.83
N LYS D 355 32.99 -11.62 2.50
CA LYS D 355 33.10 -11.69 3.97
C LYS D 355 34.43 -11.12 4.44
N PHE D 356 34.48 -10.60 5.66
CA PHE D 356 35.76 -10.20 6.23
C PHE D 356 36.01 -10.89 7.57
N LYS D 357 37.28 -11.05 7.92
CA LYS D 357 37.64 -11.80 9.11
C LYS D 357 38.99 -11.39 9.66
N LEU D 358 39.20 -11.69 10.93
CA LEU D 358 40.50 -11.52 11.57
C LEU D 358 41.48 -12.53 11.02
N SER D 359 42.72 -12.10 10.80
CA SER D 359 43.74 -12.98 10.25
C SER D 359 45.11 -12.53 10.74
N THR D 360 46.16 -13.18 10.23
CA THR D 360 47.53 -12.80 10.54
C THR D 360 48.36 -12.65 9.27
N ASN D 361 49.39 -11.82 9.32
CA ASN D 361 50.33 -11.72 8.22
C ASN D 361 51.53 -12.62 8.46
N ASN D 362 52.55 -12.50 7.61
CA ASN D 362 53.78 -13.28 7.73
C ASN D 362 54.49 -13.10 9.05
N LYS D 363 54.28 -11.94 9.66
CA LYS D 363 54.94 -11.61 10.92
C LYS D 363 54.13 -12.04 12.13
N GLY D 364 52.97 -12.67 11.89
CA GLY D 364 52.13 -13.11 12.99
C GLY D 364 51.31 -11.99 13.60
N GLU D 365 51.31 -10.85 12.93
CA GLU D 365 50.56 -9.67 13.35
C GLU D 365 49.12 -9.78 12.93
N GLN D 366 48.22 -9.34 13.80
CA GLN D 366 46.80 -9.34 13.51
C GLN D 366 46.51 -8.43 12.34
N THR D 367 45.65 -8.89 11.43
CA THR D 367 45.24 -8.08 10.30
C THR D 367 43.82 -8.44 9.88
N ILE D 368 43.30 -7.75 8.87
CA ILE D 368 41.98 -8.03 8.32
C ILE D 368 42.10 -8.75 6.98
N ALA D 369 41.41 -9.87 6.82
CA ALA D 369 41.35 -10.56 5.53
C ALA D 369 39.92 -10.61 5.02
N TYR D 370 39.78 -10.96 3.75
CA TYR D 370 38.46 -11.09 3.12
C TYR D 370 38.40 -12.40 2.35
N GLU D 371 37.20 -12.82 1.99
CA GLU D 371 37.09 -13.85 0.95
C GLU D 371 35.81 -13.64 0.14
N GLN D 372 35.90 -13.88 -1.16
CA GLN D 372 34.73 -13.93 -2.02
C GLN D 372 33.91 -15.17 -1.66
N ILE D 373 32.61 -14.99 -1.46
CA ILE D 373 31.73 -16.11 -1.16
C ILE D 373 31.03 -16.64 -2.41
N GLY D 374 31.37 -17.86 -2.80
CA GLY D 374 30.76 -18.50 -3.94
C GLY D 374 31.11 -17.80 -5.25
N SER D 375 30.35 -18.13 -6.29
CA SER D 375 30.56 -17.60 -7.62
C SER D 375 29.61 -16.44 -7.91
N PRO D 376 29.95 -15.59 -8.87
CA PRO D 376 29.01 -14.52 -9.22
C PRO D 376 27.68 -15.12 -9.62
N VAL D 377 26.60 -14.46 -9.27
CA VAL D 377 25.26 -14.81 -9.72
C VAL D 377 24.89 -13.88 -10.86
N ASN D 378 24.48 -14.42 -12.00
CA ASN D 378 24.21 -13.55 -13.13
C ASN D 378 22.86 -13.78 -13.75
N ILE D 379 22.22 -12.69 -14.16
CA ILE D 379 20.99 -12.76 -14.93
C ILE D 379 21.25 -12.02 -16.24
N GLN D 380 21.00 -12.65 -17.39
CA GLN D 380 21.30 -12.00 -18.67
C GLN D 380 20.02 -11.76 -19.45
N TYR D 381 19.75 -10.49 -19.76
CA TYR D 381 18.59 -10.12 -20.54
C TYR D 381 19.06 -9.83 -21.94
N SER D 382 18.35 -10.34 -22.94
CA SER D 382 18.78 -10.08 -24.32
C SER D 382 17.62 -9.73 -25.23
N GLU D 383 17.94 -8.98 -26.28
CA GLU D 383 16.99 -8.52 -27.26
C GLU D 383 17.69 -8.48 -28.59
N ASN D 384 16.97 -8.87 -29.64
CA ASN D 384 17.52 -8.89 -30.99
C ASN D 384 16.63 -7.96 -31.81
N THR D 385 17.02 -6.71 -32.01
CA THR D 385 16.17 -5.78 -32.74
C THR D 385 16.55 -5.62 -34.22
N GLY D 386 17.66 -6.22 -34.64
CA GLY D 386 18.06 -6.11 -36.02
C GLY D 386 17.75 -7.37 -36.80
N ASN D 387 16.94 -8.24 -36.21
CA ASN D 387 16.78 -9.61 -36.68
C ASN D 387 18.11 -10.23 -37.14
N VAL D 388 19.07 -10.19 -36.23
CA VAL D 388 20.40 -10.74 -36.46
C VAL D 388 20.33 -12.28 -36.48
N GLY D 389 21.19 -12.92 -37.27
CA GLY D 389 21.22 -14.38 -37.34
C GLY D 389 21.58 -15.06 -36.02
N LEU D 390 21.08 -16.27 -35.85
CA LEU D 390 21.20 -17.00 -34.57
C LEU D 390 22.62 -17.14 -34.04
N ASN D 391 23.55 -17.58 -34.89
CA ASN D 391 24.93 -17.81 -34.48
C ASN D 391 25.60 -16.54 -33.97
N ILE D 392 25.36 -15.42 -34.65
CA ILE D 392 25.91 -14.16 -34.18
C ILE D 392 25.32 -13.75 -32.81
N VAL D 393 23.99 -13.82 -32.70
CA VAL D 393 23.34 -13.50 -31.44
C VAL D 393 23.90 -14.36 -30.31
N VAL D 394 23.94 -15.67 -30.51
CA VAL D 394 24.39 -16.57 -29.44
C VAL D 394 25.85 -16.29 -29.07
N SER D 395 26.73 -16.09 -30.07
CA SER D 395 28.15 -15.84 -29.85
C SER D 395 28.36 -14.50 -29.14
N PHE D 396 27.57 -13.52 -29.55
CA PHE D 396 27.68 -12.22 -28.93
C PHE D 396 27.30 -12.27 -27.45
N LEU D 397 26.16 -12.88 -27.14
CA LEU D 397 25.69 -12.96 -25.74
C LEU D 397 26.62 -13.82 -24.89
N SER D 398 27.28 -14.79 -25.53
CA SER D 398 28.26 -15.57 -24.82
C SER D 398 29.46 -14.68 -24.44
N ALA D 399 29.91 -13.84 -25.38
CA ALA D 399 31.02 -12.93 -25.12
C ALA D 399 30.71 -11.96 -24.00
N THR D 400 29.49 -11.45 -23.99
CA THR D 400 29.16 -10.42 -23.03
C THR D 400 28.92 -11.06 -21.66
N LEU D 401 28.43 -12.29 -21.64
CA LEU D 401 28.35 -13.05 -20.38
C LEU D 401 29.77 -13.26 -19.83
N SER D 402 30.67 -13.76 -20.67
N SER D 402 30.67 -13.77 -20.68
CA SER D 402 32.06 -14.02 -20.25
CA SER D 402 32.07 -13.99 -20.28
C SER D 402 32.72 -12.74 -19.73
C SER D 402 32.67 -12.73 -19.70
N PHE D 403 32.43 -11.61 -20.36
CA PHE D 403 32.96 -10.34 -19.90
C PHE D 403 32.48 -10.02 -18.49
N ALA D 404 31.17 -10.12 -18.26
CA ALA D 404 30.59 -9.77 -16.95
C ALA D 404 31.10 -10.68 -15.83
N LEU D 405 31.23 -11.97 -16.13
CA LEU D 405 31.62 -12.97 -15.15
C LEU D 405 33.06 -12.82 -14.70
N THR D 406 33.88 -12.11 -15.47
CA THR D 406 35.24 -11.84 -15.05
C THR D 406 35.37 -10.40 -14.54
N PHE D 407 34.70 -9.45 -15.21
CA PHE D 407 34.89 -8.05 -14.81
C PHE D 407 34.30 -7.80 -13.42
N VAL D 408 33.09 -8.30 -13.18
CA VAL D 408 32.39 -7.94 -11.96
C VAL D 408 33.10 -8.49 -10.68
N PRO D 409 33.55 -9.77 -10.67
CA PRO D 409 34.37 -10.19 -9.54
C PRO D 409 35.65 -9.38 -9.38
N GLY D 410 36.24 -8.93 -10.48
CA GLY D 410 37.42 -8.08 -10.42
C GLY D 410 37.10 -6.79 -9.68
N PHE D 411 35.94 -6.22 -10.01
CA PHE D 411 35.44 -5.02 -9.39
C PHE D 411 35.15 -5.29 -7.89
N GLY D 412 34.54 -6.42 -7.60
CA GLY D 412 34.31 -6.82 -6.22
C GLY D 412 35.60 -6.93 -5.40
N THR D 413 36.62 -7.57 -5.96
CA THR D 413 37.93 -7.67 -5.31
C THR D 413 38.55 -6.30 -5.02
N PHE D 414 38.49 -5.42 -6.02
CA PHE D 414 38.93 -4.03 -5.87
C PHE D 414 38.32 -3.37 -4.62
N LEU D 415 37.01 -3.50 -4.49
CA LEU D 415 36.26 -2.92 -3.39
C LEU D 415 36.63 -3.54 -2.03
N ALA D 416 36.69 -4.85 -1.96
CA ALA D 416 37.05 -5.53 -0.71
C ALA D 416 38.44 -5.16 -0.24
N VAL D 417 39.40 -5.24 -1.16
CA VAL D 417 40.78 -4.92 -0.84
C VAL D 417 40.92 -3.42 -0.52
N GLY D 418 40.13 -2.60 -1.22
CA GLY D 418 40.10 -1.17 -0.97
C GLY D 418 39.60 -0.86 0.42
N LEU D 419 38.57 -1.57 0.83
CA LEU D 419 37.94 -1.35 2.13
C LEU D 419 38.92 -1.72 3.23
N ILE D 420 39.51 -2.90 3.11
CA ILE D 420 40.57 -3.33 4.01
C ILE D 420 41.67 -2.29 4.05
N GLY D 421 42.06 -1.81 2.88
CA GLY D 421 43.09 -0.80 2.76
C GLY D 421 42.81 0.43 3.59
N GLY D 422 41.63 1.02 3.42
CA GLY D 422 41.27 2.22 4.16
C GLY D 422 41.31 1.95 5.66
N CYS D 423 40.80 0.79 6.05
CA CYS D 423 40.78 0.41 7.46
C CYS D 423 42.21 0.34 8.00
N LEU D 424 43.11 -0.27 7.24
CA LEU D 424 44.45 -0.53 7.74
C LEU D 424 45.44 0.64 7.62
N ILE D 425 45.27 1.51 6.64
CA ILE D 425 46.28 2.54 6.40
C ILE D 425 45.80 3.97 6.64
N GLY D 426 44.48 4.15 6.64
CA GLY D 426 43.88 5.38 7.12
C GLY D 426 43.98 6.59 6.21
N SER D 427 44.75 6.46 5.13
CA SER D 427 44.85 7.55 4.16
C SER D 427 44.19 7.14 2.85
N VAL D 428 43.07 7.78 2.54
CA VAL D 428 42.33 7.45 1.32
C VAL D 428 43.18 7.53 0.06
N ALA D 429 44.04 8.56 -0.03
CA ALA D 429 44.88 8.76 -1.21
C ALA D 429 45.85 7.61 -1.47
N LEU D 430 46.14 6.85 -0.44
CA LEU D 430 47.10 5.75 -0.54
C LEU D 430 46.41 4.43 -0.90
N ILE D 431 45.09 4.41 -0.88
CA ILE D 431 44.34 3.16 -1.10
C ILE D 431 44.55 2.54 -2.51
N PRO D 432 44.57 3.35 -3.59
CA PRO D 432 44.79 2.70 -4.90
C PRO D 432 46.13 1.98 -5.00
N THR D 433 47.17 2.52 -4.38
CA THR D 433 48.45 1.83 -4.33
C THR D 433 48.37 0.58 -3.46
N PHE D 434 47.57 0.64 -2.40
CA PHE D 434 47.41 -0.50 -1.50
C PHE D 434 46.73 -1.65 -2.23
N ILE D 435 45.73 -1.33 -3.04
CA ILE D 435 45.02 -2.34 -3.79
C ILE D 435 46.00 -3.00 -4.78
N GLU D 436 46.73 -2.18 -5.53
CA GLU D 436 47.62 -2.69 -6.57
C GLU D 436 48.67 -3.66 -6.03
N SER D 437 49.14 -3.42 -4.82
CA SER D 437 50.19 -4.27 -4.27
C SER D 437 49.73 -5.19 -3.13
N TYR D 438 48.42 -5.29 -2.92
CA TYR D 438 47.89 -6.11 -1.81
C TYR D 438 48.35 -7.58 -1.83
N ASN D 439 48.70 -8.10 -0.66
CA ASN D 439 49.00 -9.51 -0.49
C ASN D 439 48.71 -9.95 0.96
N SER D 440 47.85 -10.96 1.10
CA SER D 440 47.50 -11.55 2.41
C SER D 440 48.67 -11.70 3.36
N ASP D 441 49.80 -12.15 2.84
CA ASP D 441 50.97 -12.42 3.67
C ASP D 441 51.63 -11.12 4.14
N THR D 442 51.39 -10.06 3.40
CA THR D 442 52.20 -8.85 3.46
C THR D 442 51.39 -7.70 4.07
N ALA D 443 50.09 -7.90 4.19
CA ALA D 443 49.15 -6.90 4.69
C ALA D 443 49.57 -6.36 6.07
N PRO D 444 49.58 -5.02 6.21
CA PRO D 444 50.02 -4.35 7.44
C PRO D 444 49.18 -4.72 8.67
N SER D 445 49.80 -4.61 9.83
CA SER D 445 49.17 -4.88 11.11
C SER D 445 47.99 -3.96 11.34
N ILE D 446 46.95 -4.47 12.01
CA ILE D 446 45.82 -3.64 12.34
C ILE D 446 46.11 -2.67 13.52
N ASP D 447 47.26 -2.83 14.18
CA ASP D 447 47.54 -2.09 15.42
C ASP D 447 47.44 -0.55 15.29
N LEU D 448 48.03 0.00 14.23
N LEU D 448 48.02 0.01 14.24
CA LEU D 448 47.92 1.43 13.97
CA LEU D 448 47.92 1.45 14.03
C LEU D 448 46.46 1.86 13.86
C LEU D 448 46.45 1.87 13.88
N SER D 449 45.69 1.11 13.09
CA SER D 449 44.25 1.34 12.95
C SER D 449 43.50 1.37 14.29
N LEU D 450 43.72 0.35 15.13
CA LEU D 450 43.15 0.31 16.47
C LEU D 450 43.52 1.54 17.30
N GLU D 451 44.78 1.96 17.22
CA GLU D 451 45.24 3.10 17.99
C GLU D 451 44.43 4.33 17.64
N ASN D 452 43.97 4.41 16.41
CA ASN D 452 43.18 5.50 15.94
C ASN D 452 41.69 5.29 15.94
N SER D 453 41.25 4.15 16.43
CA SER D 453 39.84 3.89 16.51
C SER D 453 39.40 3.55 17.92
N VAL D 454 39.43 2.29 18.26
CA VAL D 454 38.99 1.83 19.55
C VAL D 454 39.81 2.42 20.68
N SER D 455 41.10 2.56 20.48
CA SER D 455 41.94 3.08 21.55
C SER D 455 41.79 4.60 21.74
N GLU D 456 40.94 5.24 20.94
CA GLU D 456 40.63 6.65 21.17
C GLU D 456 39.77 6.73 22.44
N ILE D 457 39.21 5.59 22.84
CA ILE D 457 38.44 5.49 24.08
C ILE D 457 39.11 4.50 25.03
N THR D 458 39.46 4.96 26.24
CA THR D 458 40.08 4.08 27.23
C THR D 458 39.16 3.83 28.43
N TRP D 459 38.87 2.56 28.69
CA TRP D 459 38.01 2.18 29.81
C TRP D 459 38.77 2.01 31.13
N ASN D 460 38.11 2.33 32.23
CA ASN D 460 38.66 2.06 33.55
C ASN D 460 40.04 2.61 33.74
N SER D 461 40.30 3.81 33.27
CA SER D 461 41.60 4.44 33.39
C SER D 461 42.72 3.91 32.49
N SER D 462 42.95 2.61 32.48
CA SER D 462 44.02 2.05 31.69
C SER D 462 43.80 0.71 31.04
N ASP D 463 42.57 0.31 30.85
CA ASP D 463 42.29 -0.98 30.19
C ASP D 463 42.85 -0.97 28.79
N VAL D 464 43.34 -2.13 28.37
CA VAL D 464 43.74 -2.33 26.98
C VAL D 464 42.73 -3.25 26.29
N PHE D 465 42.34 -2.89 25.07
CA PHE D 465 41.43 -3.72 24.29
C PHE D 465 42.22 -4.78 23.51
N ASN D 466 41.95 -6.06 23.79
CA ASN D 466 42.59 -7.15 23.07
C ASN D 466 41.68 -7.68 21.97
N LEU D 467 41.98 -7.33 20.73
CA LEU D 467 41.16 -7.77 19.59
C LEU D 467 41.14 -9.29 19.40
N ASP D 468 39.96 -9.87 19.27
CA ASP D 468 39.88 -11.31 18.94
C ASP D 468 38.84 -11.62 17.86
N TYR D 469 38.20 -10.61 17.28
CA TYR D 469 37.15 -10.84 16.27
C TYR D 469 37.00 -9.65 15.33
N VAL D 470 36.88 -9.93 14.04
CA VAL D 470 36.55 -8.89 13.07
C VAL D 470 35.56 -9.46 12.07
N ALA D 471 34.51 -8.70 11.80
CA ALA D 471 33.53 -9.07 10.78
C ALA D 471 32.76 -7.85 10.30
N LEU D 472 32.01 -8.01 9.23
CA LEU D 472 31.09 -7.01 8.80
C LEU D 472 29.76 -7.54 9.30
N ALA D 473 28.95 -6.76 9.99
CA ALA D 473 27.64 -7.17 10.46
C ALA D 473 26.82 -5.94 10.29
N GLY D 474 26.83 -5.44 9.08
CA GLY D 474 26.28 -4.14 8.79
C GLY D 474 27.47 -3.23 8.92
N PRO D 475 27.57 -2.49 10.05
CA PRO D 475 28.81 -1.77 10.39
C PRO D 475 29.99 -2.71 10.44
N LEU D 476 31.20 -2.19 10.28
CA LEU D 476 32.36 -2.99 10.66
C LEU D 476 32.30 -3.26 12.16
N GLN D 477 32.50 -4.52 12.54
CA GLN D 477 32.35 -4.92 13.93
C GLN D 477 33.60 -5.61 14.48
N LEU D 478 34.12 -5.02 15.55
CA LEU D 478 35.28 -5.52 16.26
C LEU D 478 34.86 -6.17 17.57
N GLY D 479 35.45 -7.32 17.91
CA GLY D 479 35.18 -7.97 19.17
C GLY D 479 36.49 -8.15 19.92
N GLY D 480 36.46 -7.98 21.23
CA GLY D 480 37.66 -8.15 22.04
C GLY D 480 37.42 -8.14 23.54
N THR D 481 38.51 -8.31 24.29
CA THR D 481 38.44 -8.36 25.76
C THR D 481 39.20 -7.19 26.35
N LEU D 482 38.59 -6.55 27.35
CA LEU D 482 39.27 -5.51 28.09
C LEU D 482 40.29 -6.13 29.06
N GLN D 483 41.56 -5.78 28.90
CA GLN D 483 42.57 -6.25 29.84
C GLN D 483 42.86 -5.17 30.88
N VAL D 484 42.58 -5.48 32.14
CA VAL D 484 42.83 -4.56 33.25
C VAL D 484 44.32 -4.55 33.60
N GLN D 485 44.89 -3.39 33.81
CA GLN D 485 46.29 -3.30 34.15
C GLN D 485 46.62 -3.70 35.60
N ASN D 486 47.81 -4.26 35.78
CA ASN D 486 48.25 -4.73 37.09
C ASN D 486 47.73 -6.13 37.41
N SER D 487 47.28 -6.79 36.34
CA SER D 487 46.80 -8.16 36.35
C SER D 487 46.48 -8.81 37.68
#